data_6F89
#
_entry.id   6F89
#
_cell.length_a   177.440
_cell.length_b   125.270
_cell.length_c   47.940
_cell.angle_alpha   90.000
_cell.angle_beta   91.840
_cell.angle_gamma   90.000
#
_symmetry.space_group_name_H-M   'C 1 2 1'
#
loop_
_entity.id
_entity.type
_entity.pdbx_description
1 polymer 'Threonylcarbamoyl-AMP synthase'
2 non-polymer 'BICARBONATE ION'
3 non-polymer THREONINE
4 water water
#
_entity_poly.entity_id   1
_entity_poly.type   'polypeptide(L)'
_entity_poly.pdbx_seq_one_letter_code
;MTIIINVRERIEEWKIRIAAGFIREGKLVAFPTETVYGLGANALDENAVKRIFEAKGRPADNPLIIHIASFEQLEVLAKE
IPEEAEMLAKRFWPGPLTLVLPKSEVVPRVITGGLDTVAVRMPAHEIALKLIELSERPIAAPSANISGKPSPTSAHHVAE
DFYGKIECIIDGGETRIGVESTVIDLTEWPPVLLRPGGLPLEEIEKVIGEIRIHPAVYGKSVDTAKAPGMKYRAAAPSAE
VIVVEGPRDKVRRKIEELIAKFKEEGKKVGVIGSGSYDADEVFYLGDTVEEIARNLFKALRHMDRTGVDVILAEGVEEKG
LGLAVMNRLRKASGYRIIKVHHHHHH
;
_entity_poly.pdbx_strand_id   A,B
#
loop_
_chem_comp.id
_chem_comp.type
_chem_comp.name
_chem_comp.formula
BCT non-polymer 'BICARBONATE ION' 'C H O3 -1'
#
# COMPACT_ATOMS: atom_id res chain seq x y z
N MET A 1 -2.56 6.77 36.34
CA MET A 1 -2.85 7.73 35.21
C MET A 1 -3.44 7.08 33.91
N THR A 2 -2.77 6.04 33.46
CA THR A 2 -2.97 5.46 32.14
C THR A 2 -4.29 4.75 31.94
N ILE A 3 -4.81 4.85 30.72
CA ILE A 3 -5.95 4.06 30.29
C ILE A 3 -5.49 3.14 29.16
N ILE A 4 -5.75 1.83 29.31
CA ILE A 4 -5.37 0.89 28.30
C ILE A 4 -6.59 0.46 27.52
N ILE A 5 -6.50 0.51 26.20
CA ILE A 5 -7.62 0.22 25.34
C ILE A 5 -7.28 -1.00 24.47
N ASN A 6 -7.87 -2.14 24.82
CA ASN A 6 -7.70 -3.37 24.06
C ASN A 6 -8.58 -3.34 22.82
N VAL A 7 -7.94 -3.40 21.67
CA VAL A 7 -8.53 -3.23 20.34
C VAL A 7 -7.95 -4.33 19.45
N ARG A 8 -7.25 -5.29 20.06
CA ARG A 8 -6.54 -6.31 19.33
C ARG A 8 -7.49 -7.29 18.63
N GLU A 9 -8.77 -7.30 19.01
CA GLU A 9 -9.83 -8.06 18.32
C GLU A 9 -10.58 -7.16 17.31
N ARG A 10 -11.57 -6.40 17.81
CA ARG A 10 -12.44 -5.56 16.98
C ARG A 10 -11.99 -4.14 17.17
N ILE A 11 -12.10 -3.32 16.13
CA ILE A 11 -11.68 -1.91 16.21
C ILE A 11 -12.93 -1.01 16.31
N GLU A 12 -13.42 -0.85 17.52
CA GLU A 12 -14.56 0.01 17.77
C GLU A 12 -14.11 1.48 17.70
N GLU A 13 -14.79 2.30 16.90
CA GLU A 13 -14.41 3.71 16.75
C GLU A 13 -14.56 4.54 18.03
N TRP A 14 -15.54 4.21 18.86
CA TRP A 14 -15.77 4.99 20.08
C TRP A 14 -14.56 4.89 21.03
N LYS A 15 -13.91 3.72 21.03
CA LYS A 15 -12.65 3.49 21.76
C LYS A 15 -11.49 4.33 21.20
N ILE A 16 -11.30 4.32 19.88
CA ILE A 16 -10.26 5.13 19.27
C ILE A 16 -10.52 6.61 19.57
N ARG A 17 -11.80 7.02 19.61
CA ARG A 17 -12.17 8.41 19.95
C ARG A 17 -11.65 8.86 21.30
N ILE A 18 -11.62 7.95 22.26
CA ILE A 18 -11.06 8.28 23.58
C ILE A 18 -9.63 8.78 23.44
N ALA A 19 -8.81 7.93 22.79
CA ALA A 19 -7.40 8.20 22.52
C ALA A 19 -7.20 9.46 21.68
N ALA A 20 -8.00 9.61 20.63
CA ALA A 20 -7.95 10.81 19.79
C ALA A 20 -8.22 12.11 20.60
N GLY A 21 -9.15 12.01 21.54
CA GLY A 21 -9.37 13.08 22.48
C GLY A 21 -8.14 13.44 23.27
N PHE A 22 -7.41 12.43 23.77
CA PHE A 22 -6.15 12.69 24.47
C PHE A 22 -5.11 13.39 23.60
N ILE A 23 -5.00 13.00 22.33
CA ILE A 23 -4.05 13.66 21.38
C ILE A 23 -4.41 15.14 21.23
N ARG A 24 -5.69 15.42 20.98
CA ARG A 24 -6.17 16.81 20.91
C ARG A 24 -5.83 17.61 22.15
N GLU A 25 -6.04 17.03 23.34
CA GLU A 25 -5.76 17.70 24.60
C GLU A 25 -4.28 17.80 24.92
N GLY A 26 -3.37 17.49 24.00
CA GLY A 26 -1.92 17.61 24.25
C GLY A 26 -1.30 16.53 25.13
N LYS A 27 -2.01 15.41 25.31
CA LYS A 27 -1.56 14.29 26.13
C LYS A 27 -0.83 13.23 25.25
N LEU A 28 -0.26 12.20 25.88
CA LEU A 28 0.49 11.14 25.21
C LEU A 28 -0.31 9.81 25.03
N VAL A 29 -0.23 9.26 23.81
CA VAL A 29 -0.93 8.04 23.45
C VAL A 29 0.02 7.06 22.77
N ALA A 30 0.20 5.88 23.33
CA ALA A 30 1.03 4.86 22.68
C ALA A 30 0.13 4.07 21.78
N PHE A 31 0.60 3.74 20.58
CA PHE A 31 -0.27 3.09 19.57
C PHE A 31 0.51 2.08 18.76
N PRO A 32 -0.14 0.99 18.37
CA PRO A 32 0.54 0.03 17.53
C PRO A 32 0.74 0.53 16.09
N THR A 33 1.64 -0.11 15.37
CA THR A 33 1.99 0.23 14.01
C THR A 33 2.49 -1.08 13.43
N GLU A 34 2.72 -1.13 12.12
CA GLU A 34 3.26 -2.35 11.46
C GLU A 34 4.70 -2.67 11.82
N THR A 35 5.43 -1.65 12.25
CA THR A 35 6.84 -1.72 12.63
C THR A 35 7.00 -1.95 14.16
N VAL A 36 6.92 -0.89 14.94
CA VAL A 36 6.97 -0.97 16.39
C VAL A 36 5.87 -0.09 16.93
N TYR A 37 5.62 -0.16 18.23
CA TYR A 37 4.72 0.77 18.90
C TYR A 37 5.35 2.16 18.98
N GLY A 38 4.51 3.19 18.79
CA GLY A 38 4.93 4.58 18.87
C GLY A 38 4.32 5.37 20.04
N LEU A 39 5.06 6.34 20.58
CA LEU A 39 4.60 7.20 21.67
C LEU A 39 4.21 8.56 21.06
N GLY A 40 2.92 8.70 20.79
CA GLY A 40 2.43 9.86 20.07
C GLY A 40 1.96 11.08 20.80
N ALA A 41 2.16 12.23 20.15
CA ALA A 41 1.55 13.52 20.58
C ALA A 41 1.23 14.31 19.36
N ASN A 42 0.33 15.26 19.54
CA ASN A 42 -0.03 16.21 18.51
C ASN A 42 1.19 16.94 17.98
N ALA A 43 1.59 16.65 16.73
CA ALA A 43 2.84 17.24 16.20
C ALA A 43 2.77 18.75 16.03
N LEU A 44 1.56 19.30 15.99
CA LEU A 44 1.38 20.75 15.99
C LEU A 44 1.58 21.47 17.34
N ASP A 45 1.50 20.75 18.45
CA ASP A 45 1.55 21.28 19.79
C ASP A 45 2.94 20.99 20.41
N GLU A 46 3.80 22.01 20.33
CA GLU A 46 5.18 21.98 20.79
C GLU A 46 5.37 21.47 22.23
N ASN A 47 4.45 21.79 23.12
CA ASN A 47 4.58 21.34 24.52
C ASN A 47 4.13 19.93 24.71
N ALA A 48 3.15 19.48 23.93
CA ALA A 48 2.79 18.07 23.88
C ALA A 48 3.97 17.20 23.41
N VAL A 49 4.64 17.67 22.37
CA VAL A 49 5.81 16.99 21.87
C VAL A 49 6.92 16.94 22.91
N LYS A 50 7.18 18.06 23.60
CA LYS A 50 8.19 18.08 24.66
C LYS A 50 7.98 16.95 25.66
N ARG A 51 6.74 16.62 25.91
CA ARG A 51 6.38 15.59 26.89
C ARG A 51 6.82 14.13 26.48
N ILE A 52 6.86 13.88 25.18
CA ILE A 52 7.47 12.68 24.61
C ILE A 52 8.94 12.58 25.04
N PHE A 53 9.72 13.61 24.74
CA PHE A 53 11.14 13.59 25.11
C PHE A 53 11.38 13.36 26.62
N GLU A 54 10.56 14.04 27.43
CA GLU A 54 10.62 13.99 28.86
C GLU A 54 10.23 12.60 29.34
N ALA A 55 9.12 12.04 28.87
CA ALA A 55 8.72 10.70 29.35
C ALA A 55 9.81 9.65 29.06
N LYS A 56 10.45 9.75 27.88
CA LYS A 56 11.39 8.76 27.40
C LYS A 56 12.77 8.98 27.96
N GLY A 57 13.04 10.21 28.37
CA GLY A 57 14.37 10.63 28.69
C GLY A 57 15.21 10.66 27.42
N ARG A 58 14.68 11.24 26.35
CA ARG A 58 15.33 11.16 25.06
C ARG A 58 16.11 12.45 24.76
N PRO A 59 17.41 12.34 24.37
CA PRO A 59 18.14 13.51 23.89
C PRO A 59 17.32 14.39 22.93
N ALA A 60 17.36 15.70 23.13
CA ALA A 60 16.62 16.67 22.32
C ALA A 60 17.00 16.69 20.86
N ASP A 61 18.19 16.23 20.52
CA ASP A 61 18.59 16.20 19.11
C ASP A 61 18.33 14.85 18.41
N ASN A 62 17.62 13.94 19.05
CA ASN A 62 17.21 12.72 18.34
C ASN A 62 15.83 13.02 17.79
N PRO A 63 15.71 13.29 16.51
CA PRO A 63 14.40 13.77 16.03
C PRO A 63 13.30 12.70 16.01
N LEU A 64 12.09 13.19 15.77
CA LEU A 64 10.86 12.42 15.81
C LEU A 64 10.27 12.36 14.41
N ILE A 65 9.61 11.23 14.13
CA ILE A 65 8.93 10.99 12.87
C ILE A 65 7.48 11.36 13.03
N ILE A 66 7.01 12.19 12.10
CA ILE A 66 5.60 12.63 12.07
C ILE A 66 4.77 11.63 11.24
N HIS A 67 3.69 11.14 11.82
CA HIS A 67 2.83 10.18 11.14
C HIS A 67 1.62 10.88 10.57
N ILE A 68 1.31 10.62 9.31
CA ILE A 68 0.16 11.22 8.60
C ILE A 68 -0.80 10.13 8.06
N ALA A 69 -2.05 10.50 7.75
CA ALA A 69 -2.98 9.57 7.18
C ALA A 69 -3.39 9.87 5.77
N SER A 70 -3.06 11.06 5.26
CA SER A 70 -3.31 11.43 3.86
C SER A 70 -2.17 12.25 3.24
N PHE A 71 -2.05 12.25 1.91
CA PHE A 71 -0.96 12.90 1.21
C PHE A 71 -1.08 14.40 1.20
N GLU A 72 -2.29 14.92 1.31
CA GLU A 72 -2.41 16.36 1.42
C GLU A 72 -1.74 16.87 2.73
N GLN A 73 -1.59 16.02 3.75
CA GLN A 73 -0.90 16.40 4.97
C GLN A 73 0.60 16.59 4.75
N LEU A 74 1.19 15.80 3.85
CA LEU A 74 2.62 15.98 3.54
C LEU A 74 2.95 17.37 3.02
N GLU A 75 2.03 17.96 2.25
CA GLU A 75 2.21 19.27 1.64
C GLU A 75 2.25 20.38 2.68
N VAL A 76 1.58 20.16 3.80
CA VAL A 76 1.54 21.11 4.90
C VAL A 76 2.84 21.11 5.72
N LEU A 77 3.45 19.94 5.87
CA LEU A 77 4.64 19.76 6.71
C LEU A 77 5.94 19.98 5.98
N ALA A 78 5.95 19.66 4.67
CA ALA A 78 7.14 19.84 3.83
C ALA A 78 6.99 20.96 2.81
N LYS A 79 8.13 21.52 2.41
CA LYS A 79 8.26 22.32 1.17
C LYS A 79 9.26 21.63 0.28
N GLU A 80 9.37 22.09 -0.96
CA GLU A 80 10.34 21.51 -1.91
C GLU A 80 10.27 19.98 -2.00
N ILE A 81 9.06 19.41 -2.11
CA ILE A 81 8.87 17.96 -2.31
C ILE A 81 9.33 17.51 -3.68
N PRO A 82 10.41 16.74 -3.77
CA PRO A 82 10.83 16.34 -5.09
C PRO A 82 10.02 15.18 -5.65
N GLU A 83 10.23 14.88 -6.92
CA GLU A 83 9.42 13.92 -7.69
C GLU A 83 9.69 12.51 -7.22
N GLU A 84 10.92 12.27 -6.80
CA GLU A 84 11.36 10.95 -6.32
C GLU A 84 10.66 10.65 -4.99
N ALA A 85 10.40 11.71 -4.20
CA ALA A 85 9.51 11.60 -3.03
C ALA A 85 8.09 11.20 -3.41
N GLU A 86 7.50 11.84 -4.42
CA GLU A 86 6.16 11.47 -4.87
C GLU A 86 6.07 10.01 -5.34
N MET A 87 7.05 9.56 -6.13
CA MET A 87 7.16 8.15 -6.57
C MET A 87 7.17 7.16 -5.41
N LEU A 88 7.97 7.43 -4.41
CA LEU A 88 8.09 6.53 -3.31
C LEU A 88 6.82 6.50 -2.46
N ALA A 89 6.25 7.64 -2.18
CA ALA A 89 4.96 7.73 -1.53
C ALA A 89 3.90 6.93 -2.26
N LYS A 90 3.76 7.16 -3.55
CA LYS A 90 2.73 6.53 -4.37
C LYS A 90 2.83 5.03 -4.33
N ARG A 91 4.06 4.52 -4.37
CA ARG A 91 4.32 3.10 -4.41
C ARG A 91 4.27 2.41 -3.03
N PHE A 92 4.76 3.07 -1.98
CA PHE A 92 5.02 2.42 -0.69
C PHE A 92 4.20 2.93 0.48
N TRP A 93 3.46 4.03 0.35
CA TRP A 93 2.55 4.45 1.45
C TRP A 93 1.14 3.92 1.22
N PRO A 94 0.41 3.54 2.27
CA PRO A 94 0.91 3.44 3.65
C PRO A 94 1.86 2.31 3.73
N GLY A 95 2.94 2.45 4.50
CA GLY A 95 4.01 1.43 4.61
C GLY A 95 5.22 1.83 5.45
N PRO A 96 6.17 0.88 5.61
CA PRO A 96 7.29 1.07 6.54
C PRO A 96 8.42 1.85 5.94
N LEU A 97 8.06 3.04 5.42
CA LEU A 97 8.98 3.94 4.76
C LEU A 97 8.77 5.31 5.29
N THR A 98 9.86 5.95 5.70
CA THR A 98 9.90 7.30 6.22
C THR A 98 10.75 8.15 5.29
N LEU A 99 10.23 9.31 4.87
CA LEU A 99 10.97 10.27 4.03
C LEU A 99 11.43 11.46 4.85
N VAL A 100 12.69 11.87 4.68
CA VAL A 100 13.20 13.12 5.22
C VAL A 100 13.17 14.18 4.12
N LEU A 101 12.55 15.32 4.43
CA LEU A 101 12.38 16.39 3.44
C LEU A 101 12.64 17.75 4.07
N PRO A 102 12.66 18.81 3.25
CA PRO A 102 12.71 20.17 3.81
C PRO A 102 11.41 20.50 4.55
N LYS A 103 11.50 20.93 5.80
CA LYS A 103 10.29 21.23 6.56
C LYS A 103 9.76 22.58 6.18
N SER A 104 8.47 22.75 6.33
CA SER A 104 7.80 24.03 6.31
C SER A 104 7.81 24.60 7.73
N GLU A 105 7.24 25.80 7.87
CA GLU A 105 7.27 26.50 9.12
C GLU A 105 6.22 25.95 10.10
N VAL A 106 5.30 25.10 9.65
CA VAL A 106 4.30 24.55 10.55
C VAL A 106 4.85 23.45 11.49
N VAL A 107 6.01 22.92 11.17
CA VAL A 107 6.66 21.88 11.97
C VAL A 107 7.53 22.54 13.01
N PRO A 108 7.19 22.44 14.31
CA PRO A 108 8.02 23.00 15.37
C PRO A 108 9.42 22.39 15.43
N ARG A 109 10.45 23.18 15.72
CA ARG A 109 11.84 22.71 15.74
C ARG A 109 12.09 21.62 16.78
N VAL A 110 11.26 21.55 17.82
CA VAL A 110 11.41 20.48 18.82
C VAL A 110 11.21 19.05 18.24
N ILE A 111 10.41 18.94 17.19
CA ILE A 111 10.28 17.65 16.48
C ILE A 111 11.60 17.29 15.75
N THR A 112 12.21 18.28 15.12
CA THR A 112 13.35 18.05 14.25
C THR A 112 14.71 18.14 14.91
N GLY A 113 14.76 18.26 16.23
CA GLY A 113 15.98 18.53 17.01
C GLY A 113 16.80 19.74 16.55
N GLY A 114 16.09 20.80 16.16
CA GLY A 114 16.75 22.00 15.63
C GLY A 114 16.90 22.15 14.12
N LEU A 115 16.79 21.06 13.38
CA LEU A 115 17.04 21.06 11.94
C LEU A 115 15.94 21.63 11.09
N ASP A 116 16.33 21.91 9.83
CA ASP A 116 15.47 22.38 8.73
C ASP A 116 14.76 21.24 8.03
N THR A 117 15.05 19.99 8.41
CA THR A 117 14.44 18.83 7.80
C THR A 117 13.45 18.13 8.72
N VAL A 118 12.50 17.42 8.12
CA VAL A 118 11.42 16.74 8.86
C VAL A 118 11.29 15.34 8.33
N ALA A 119 10.98 14.41 9.21
CA ALA A 119 10.86 12.98 8.85
C ALA A 119 9.38 12.61 8.92
N VAL A 120 8.82 12.18 7.79
CA VAL A 120 7.36 11.88 7.68
C VAL A 120 7.10 10.46 7.20
N ARG A 121 6.05 9.86 7.73
CA ARG A 121 5.66 8.49 7.43
C ARG A 121 4.14 8.31 7.43
N MET A 122 3.64 7.39 6.61
CA MET A 122 2.23 7.08 6.61
C MET A 122 2.07 5.61 6.98
N PRO A 123 1.77 5.32 8.26
CA PRO A 123 1.81 3.98 8.74
C PRO A 123 0.69 3.10 8.15
N ALA A 124 1.08 1.86 7.86
CA ALA A 124 0.22 0.85 7.26
C ALA A 124 -0.37 0.07 8.38
N HIS A 125 -1.26 0.72 9.11
CA HIS A 125 -1.89 0.11 10.27
C HIS A 125 -3.22 0.84 10.54
N GLU A 126 -4.30 0.07 10.54
CA GLU A 126 -5.63 0.62 10.59
C GLU A 126 -5.81 1.46 11.84
N ILE A 127 -5.32 0.97 12.98
CA ILE A 127 -5.42 1.66 14.25
C ILE A 127 -4.70 3.01 14.21
N ALA A 128 -3.42 2.99 13.81
CA ALA A 128 -2.63 4.21 13.68
C ALA A 128 -3.29 5.24 12.72
N LEU A 129 -3.84 4.79 11.60
CA LEU A 129 -4.50 5.71 10.67
C LEU A 129 -5.75 6.29 11.29
N LYS A 130 -6.52 5.46 11.99
CA LYS A 130 -7.83 5.87 12.51
C LYS A 130 -7.58 6.92 13.61
N LEU A 131 -6.51 6.73 14.39
CA LEU A 131 -6.16 7.67 15.46
C LEU A 131 -5.81 9.03 14.87
N ILE A 132 -5.05 9.01 13.77
CA ILE A 132 -4.65 10.21 13.10
C ILE A 132 -5.87 10.87 12.49
N GLU A 133 -6.77 10.08 11.90
CA GLU A 133 -7.98 10.58 11.25
C GLU A 133 -8.85 11.23 12.26
N LEU A 134 -9.13 10.55 13.35
CA LEU A 134 -10.09 11.04 14.34
C LEU A 134 -9.52 12.13 15.20
N SER A 135 -8.20 12.16 15.39
CA SER A 135 -7.55 13.28 16.11
C SER A 135 -7.60 14.57 15.30
N GLU A 136 -7.68 14.39 13.98
CA GLU A 136 -7.48 15.44 13.00
C GLU A 136 -6.20 16.21 13.27
N ARG A 137 -5.13 15.47 13.54
CA ARG A 137 -3.84 16.07 13.78
C ARG A 137 -2.78 15.11 13.33
N PRO A 138 -1.69 15.65 12.76
CA PRO A 138 -0.56 14.81 12.52
C PRO A 138 0.06 14.38 13.84
N ILE A 139 0.60 13.18 13.90
CA ILE A 139 1.08 12.62 15.16
C ILE A 139 2.54 12.30 15.19
N ALA A 140 3.31 13.07 15.98
CA ALA A 140 4.74 12.84 16.21
C ALA A 140 4.93 11.64 17.12
N ALA A 141 5.78 10.69 16.72
CA ALA A 141 5.89 9.44 17.47
C ALA A 141 7.16 8.61 17.25
N PRO A 142 8.15 8.73 18.14
CA PRO A 142 9.21 7.76 18.14
C PRO A 142 8.73 6.44 18.72
N SER A 143 9.64 5.49 18.83
CA SER A 143 9.32 4.23 19.50
C SER A 143 8.91 4.45 21.00
N ALA A 144 7.92 3.66 21.46
CA ALA A 144 7.29 3.85 22.78
C ALA A 144 8.01 3.10 23.89
N ASN A 145 9.28 3.43 24.03
CA ASN A 145 10.14 2.84 25.03
C ASN A 145 10.88 3.92 25.81
N ILE A 146 11.37 3.58 26.99
CA ILE A 146 12.26 4.44 27.74
C ILE A 146 13.57 4.44 26.95
N SER A 147 14.15 5.61 26.72
CA SER A 147 15.39 5.74 25.93
C SER A 147 16.50 4.97 26.59
N GLY A 148 17.10 4.06 25.83
CA GLY A 148 18.06 3.10 26.35
C GLY A 148 17.60 1.66 26.41
N LYS A 149 16.30 1.44 26.48
CA LYS A 149 15.75 0.08 26.35
C LYS A 149 15.45 -0.19 24.85
N PRO A 150 15.28 -1.47 24.52
CA PRO A 150 14.85 -1.83 23.18
C PRO A 150 13.46 -1.34 22.82
N SER A 151 13.23 -1.21 21.53
CA SER A 151 11.93 -0.78 20.99
C SER A 151 10.86 -1.73 21.40
N PRO A 152 9.62 -1.22 21.51
CA PRO A 152 8.49 -2.04 21.91
C PRO A 152 7.77 -2.59 20.71
N THR A 153 7.42 -3.86 20.73
CA THR A 153 6.62 -4.48 19.69
C THR A 153 5.30 -5.10 20.14
N SER A 154 4.90 -4.84 21.37
CA SER A 154 3.59 -5.23 21.90
C SER A 154 3.23 -4.19 22.93
N ALA A 155 1.95 -4.13 23.30
CA ALA A 155 1.49 -3.25 24.39
C ALA A 155 2.01 -3.68 25.76
N HIS A 156 2.44 -4.93 25.93
CA HIS A 156 3.12 -5.34 27.16
C HIS A 156 4.42 -4.52 27.35
N HIS A 157 5.23 -4.46 26.32
CA HIS A 157 6.50 -3.74 26.38
C HIS A 157 6.29 -2.28 26.69
N VAL A 158 5.23 -1.72 26.10
CA VAL A 158 4.88 -0.33 26.38
C VAL A 158 4.50 -0.15 27.85
N ALA A 159 3.70 -1.06 28.38
CA ALA A 159 3.16 -0.98 29.75
C ALA A 159 4.25 -1.18 30.76
N GLU A 160 5.18 -2.11 30.54
CA GLU A 160 6.25 -2.28 31.50
C GLU A 160 7.14 -1.04 31.60
N ASP A 161 7.15 -0.22 30.56
CA ASP A 161 7.95 1.02 30.55
C ASP A 161 7.19 2.27 31.06
N PHE A 162 5.92 2.38 30.67
CA PHE A 162 5.14 3.61 30.83
C PHE A 162 3.79 3.51 31.53
N TYR A 163 3.39 2.34 32.01
CA TYR A 163 2.09 2.25 32.70
C TYR A 163 2.15 3.10 33.93
N GLY A 164 1.19 4.03 34.05
CA GLY A 164 1.11 5.02 35.09
C GLY A 164 1.89 6.30 34.81
N LYS A 165 2.82 6.25 33.86
CA LYS A 165 3.58 7.42 33.47
C LYS A 165 3.02 8.15 32.23
N ILE A 166 2.18 7.51 31.39
CA ILE A 166 1.55 8.18 30.23
C ILE A 166 0.03 8.00 30.22
N GLU A 167 -0.67 8.82 29.45
CA GLU A 167 -2.10 8.86 29.51
C GLU A 167 -2.83 7.66 28.94
N CYS A 168 -2.34 7.10 27.85
CA CYS A 168 -3.11 6.09 27.12
C CYS A 168 -2.20 5.08 26.40
N ILE A 169 -2.63 3.83 26.41
CA ILE A 169 -2.02 2.81 25.61
C ILE A 169 -3.13 2.10 24.82
N ILE A 170 -2.99 2.05 23.49
CA ILE A 170 -3.86 1.28 22.62
C ILE A 170 -3.15 -0.05 22.34
N ASP A 171 -3.76 -1.15 22.76
CA ASP A 171 -3.22 -2.49 22.57
C ASP A 171 -3.86 -3.05 21.34
N GLY A 172 -3.10 -3.10 20.25
CA GLY A 172 -3.53 -3.78 19.02
C GLY A 172 -2.68 -5.02 18.69
N GLY A 173 -2.10 -5.66 19.71
CA GLY A 173 -1.37 -6.87 19.52
C GLY A 173 0.08 -6.62 19.20
N GLU A 174 0.80 -7.71 18.89
CA GLU A 174 2.21 -7.64 18.54
C GLU A 174 2.31 -7.11 17.13
N THR A 175 3.31 -6.29 16.85
CA THR A 175 3.39 -5.60 15.56
C THR A 175 3.83 -6.61 14.49
N ARG A 176 3.39 -6.50 13.22
CA ARG A 176 3.79 -7.59 12.25
C ARG A 176 5.22 -7.58 11.77
N ILE A 177 5.82 -6.42 11.54
CA ILE A 177 7.20 -6.45 11.04
C ILE A 177 8.17 -6.59 12.20
N GLY A 178 8.11 -5.65 13.15
CA GLY A 178 8.87 -5.77 14.40
C GLY A 178 10.14 -4.95 14.49
N VAL A 179 10.57 -4.35 13.37
CA VAL A 179 11.66 -3.40 13.35
C VAL A 179 11.18 -2.11 12.70
N GLU A 180 11.86 -1.02 13.02
CA GLU A 180 11.38 0.30 12.68
C GLU A 180 11.40 0.54 11.17
N SER A 181 10.63 1.51 10.71
CA SER A 181 10.59 1.90 9.32
C SER A 181 11.96 2.21 8.71
N THR A 182 12.06 2.06 7.42
CA THR A 182 13.22 2.48 6.70
C THR A 182 13.14 4.01 6.51
N VAL A 183 14.30 4.69 6.50
CA VAL A 183 14.36 6.16 6.41
C VAL A 183 15.21 6.53 5.22
N ILE A 184 14.63 7.23 4.24
CA ILE A 184 15.38 7.74 3.07
C ILE A 184 15.43 9.26 3.15
N ASP A 185 16.61 9.83 2.90
CA ASP A 185 16.86 11.26 2.79
C ASP A 185 16.68 11.72 1.32
N LEU A 186 15.64 12.52 1.05
CA LEU A 186 15.36 13.01 -0.28
C LEU A 186 15.63 14.49 -0.33
N THR A 187 16.42 14.95 0.63
CA THR A 187 16.91 16.31 0.78
C THR A 187 18.13 16.53 -0.10
N GLU A 188 18.61 15.47 -0.74
CA GLU A 188 19.70 15.56 -1.69
C GLU A 188 19.67 14.47 -2.73
N TRP A 189 20.26 14.76 -3.88
CA TRP A 189 20.48 13.76 -4.93
C TRP A 189 21.96 13.33 -4.87
N PRO A 190 22.25 12.04 -4.94
CA PRO A 190 21.26 10.98 -4.94
C PRO A 190 20.68 10.79 -3.53
N PRO A 191 19.52 10.10 -3.44
CA PRO A 191 18.96 9.85 -2.13
C PRO A 191 19.89 9.00 -1.30
N VAL A 192 19.73 9.07 0.02
CA VAL A 192 20.58 8.42 0.97
C VAL A 192 19.77 7.66 1.99
N LEU A 193 20.12 6.40 2.20
CA LEU A 193 19.54 5.60 3.25
C LEU A 193 20.18 5.97 4.60
N LEU A 194 19.38 6.54 5.50
CA LEU A 194 19.83 6.85 6.84
C LEU A 194 19.61 5.71 7.81
N ARG A 195 18.54 4.95 7.64
CA ARG A 195 18.25 3.85 8.54
C ARG A 195 17.64 2.66 7.81
N PRO A 196 18.26 1.47 7.90
CA PRO A 196 17.61 0.32 7.31
C PRO A 196 16.44 -0.14 8.20
N GLY A 197 15.35 -0.60 7.59
CA GLY A 197 14.17 -1.00 8.33
C GLY A 197 13.20 -1.92 7.60
N GLY A 198 11.92 -1.76 7.88
CA GLY A 198 10.85 -2.63 7.43
C GLY A 198 10.68 -2.75 5.95
N LEU A 199 11.15 -1.77 5.17
CA LEU A 199 11.08 -1.81 3.71
C LEU A 199 12.50 -2.08 3.26
N PRO A 200 12.71 -3.23 2.64
CA PRO A 200 14.08 -3.55 2.25
C PRO A 200 14.59 -2.74 1.08
N LEU A 201 15.87 -2.44 1.13
CA LEU A 201 16.54 -1.57 0.17
C LEU A 201 16.34 -1.95 -1.28
N GLU A 202 16.47 -3.25 -1.57
CA GLU A 202 16.22 -3.78 -2.93
C GLU A 202 14.88 -3.31 -3.52
N GLU A 203 13.82 -3.27 -2.70
CA GLU A 203 12.51 -2.79 -3.14
C GLU A 203 12.54 -1.35 -3.55
N ILE A 204 13.18 -0.52 -2.74
CA ILE A 204 13.25 0.90 -3.01
C ILE A 204 13.99 1.12 -4.33
N GLU A 205 15.13 0.42 -4.47
CA GLU A 205 15.99 0.48 -5.63
C GLU A 205 15.31 0.08 -6.98
N LYS A 206 14.25 -0.73 -6.96
CA LYS A 206 13.43 -0.99 -8.14
C LYS A 206 12.65 0.25 -8.65
N VAL A 207 12.33 1.18 -7.74
CA VAL A 207 11.51 2.32 -8.03
C VAL A 207 12.36 3.51 -8.41
N ILE A 208 13.07 4.09 -7.47
CA ILE A 208 14.12 5.10 -7.80
C ILE A 208 15.33 4.26 -8.10
N GLY A 209 16.42 4.86 -8.57
CA GLY A 209 17.53 4.00 -9.02
C GLY A 209 18.30 3.34 -7.89
N GLU A 210 19.63 3.30 -8.02
CA GLU A 210 20.48 3.00 -6.89
C GLU A 210 20.55 4.27 -6.00
N ILE A 211 20.64 4.02 -4.69
CA ILE A 211 20.83 5.04 -3.66
C ILE A 211 22.10 4.84 -2.77
N ARG A 212 22.65 5.96 -2.28
CA ARG A 212 23.74 5.98 -1.30
C ARG A 212 23.33 5.41 0.05
N ILE A 213 24.22 4.66 0.70
CA ILE A 213 24.01 4.25 2.07
C ILE A 213 24.80 5.22 2.97
N HIS A 214 24.16 5.85 3.96
CA HIS A 214 24.87 6.72 4.88
C HIS A 214 25.76 5.85 5.76
N PRO A 215 27.02 6.27 6.05
CA PRO A 215 27.94 5.46 6.86
C PRO A 215 27.40 5.05 8.23
N ALA A 216 26.48 5.83 8.80
CA ALA A 216 25.74 5.45 10.02
C ALA A 216 25.02 4.09 10.02
N VAL A 217 24.66 3.61 8.85
CA VAL A 217 24.02 2.32 8.71
C VAL A 217 25.02 1.19 9.04
N TYR A 218 26.30 1.52 8.99
CA TYR A 218 27.38 0.56 9.20
C TYR A 218 28.17 0.81 10.51
N GLY A 219 27.74 1.79 11.32
CA GLY A 219 28.32 2.07 12.65
C GLY A 219 28.87 3.44 12.88
N LYS A 220 29.56 3.96 11.87
CA LYS A 220 30.20 5.27 11.94
C LYS A 220 29.45 6.29 12.81
N SER A 221 30.20 6.98 13.65
CA SER A 221 29.66 7.95 14.59
C SER A 221 29.20 9.21 13.87
N VAL A 222 27.94 9.55 14.10
CA VAL A 222 27.42 10.78 13.59
C VAL A 222 27.10 11.67 14.78
N ASP A 223 27.41 12.95 14.65
CA ASP A 223 27.20 13.94 15.68
C ASP A 223 25.93 14.72 15.47
N THR A 224 25.35 14.61 14.28
CA THR A 224 24.08 15.25 13.96
C THR A 224 23.18 14.21 13.36
N ALA A 225 22.04 14.04 14.00
CA ALA A 225 21.04 13.13 13.50
C ALA A 225 19.99 13.89 12.65
N LYS A 226 20.07 13.63 11.36
CA LYS A 226 19.06 13.97 10.40
C LYS A 226 17.82 13.07 10.51
N ALA A 227 17.95 11.93 11.18
CA ALA A 227 16.85 10.98 11.37
C ALA A 227 17.09 10.17 12.63
N PRO A 228 16.04 9.48 13.13
CA PRO A 228 16.28 8.68 14.33
C PRO A 228 17.05 7.43 14.00
N GLY A 229 17.52 6.75 15.03
CA GLY A 229 18.35 5.56 14.84
C GLY A 229 19.71 5.72 14.16
N MET A 230 20.36 6.86 14.35
CA MET A 230 21.66 7.16 13.72
C MET A 230 22.83 7.47 14.64
N LYS A 231 22.58 8.08 15.79
CA LYS A 231 23.63 8.58 16.68
C LYS A 231 23.68 7.89 18.04
N TYR A 232 22.51 7.67 18.64
CA TYR A 232 22.47 7.07 19.99
C TYR A 232 22.36 5.55 19.93
N ARG A 233 22.81 4.92 20.99
CA ARG A 233 23.01 3.49 20.94
C ARG A 233 23.07 2.87 22.31
N ALA A 234 22.18 3.29 23.20
CA ALA A 234 22.00 2.56 24.45
C ALA A 234 21.12 1.28 24.20
N ALA A 235 20.19 1.38 23.23
CA ALA A 235 19.26 0.27 22.80
C ALA A 235 19.91 -1.13 22.68
N PRO A 237 22.05 -1.44 27.18
CA PRO A 237 21.57 -2.68 27.75
C PRO A 237 22.39 -3.09 28.98
N SER A 238 21.77 -3.87 29.85
CA SER A 238 22.44 -4.32 31.07
C SER A 238 23.48 -5.41 30.79
N ALA A 239 23.37 -6.07 29.63
CA ALA A 239 24.17 -7.23 29.33
C ALA A 239 25.20 -6.90 28.27
N GLU A 240 26.33 -7.61 28.32
CA GLU A 240 27.30 -7.63 27.23
C GLU A 240 26.55 -8.34 26.08
N VAL A 241 26.59 -7.78 24.87
CA VAL A 241 26.03 -8.44 23.68
C VAL A 241 27.11 -8.78 22.64
N ILE A 242 27.20 -10.04 22.23
CA ILE A 242 28.17 -10.45 21.23
C ILE A 242 27.44 -11.07 20.03
N VAL A 243 27.79 -10.60 18.84
CA VAL A 243 27.17 -11.09 17.61
C VAL A 243 28.22 -11.94 16.98
N VAL A 244 27.81 -13.16 16.59
CA VAL A 244 28.71 -14.10 15.93
C VAL A 244 28.22 -14.28 14.52
N GLU A 245 29.08 -13.97 13.54
CA GLU A 245 28.71 -13.99 12.14
C GLU A 245 29.63 -14.89 11.42
N GLY A 246 29.13 -15.55 10.38
CA GLY A 246 29.91 -16.47 9.55
C GLY A 246 29.05 -17.61 9.06
N PRO A 247 29.67 -18.61 8.43
CA PRO A 247 28.94 -19.85 8.15
C PRO A 247 28.27 -20.47 9.41
N ARG A 248 27.08 -21.02 9.24
CA ARG A 248 26.27 -21.51 10.35
C ARG A 248 26.96 -22.46 11.33
N ASP A 249 27.45 -23.58 10.83
CA ASP A 249 28.03 -24.61 11.69
C ASP A 249 29.21 -24.03 12.52
N LYS A 250 30.01 -23.13 11.94
CA LYS A 250 31.14 -22.46 12.63
C LYS A 250 30.71 -21.44 13.70
N VAL A 251 29.70 -20.63 13.40
CA VAL A 251 29.05 -19.73 14.37
C VAL A 251 28.53 -20.48 15.62
N ARG A 252 27.69 -21.49 15.39
CA ARG A 252 27.16 -22.36 16.47
C ARG A 252 28.25 -23.01 17.34
N ARG A 253 29.36 -23.38 16.72
CA ARG A 253 30.50 -23.93 17.45
C ARG A 253 31.19 -22.85 18.29
N LYS A 254 31.36 -21.67 17.69
CA LYS A 254 31.90 -20.50 18.38
C LYS A 254 31.05 -20.12 19.60
N ILE A 255 29.74 -20.13 19.43
CA ILE A 255 28.83 -19.81 20.52
C ILE A 255 29.00 -20.84 21.62
N GLU A 256 29.13 -22.12 21.26
CA GLU A 256 29.34 -23.21 22.23
C GLU A 256 30.54 -22.96 23.15
N GLU A 257 31.68 -22.62 22.55
CA GLU A 257 32.91 -22.26 23.28
C GLU A 257 32.73 -21.06 24.21
N LEU A 258 31.95 -20.10 23.75
CA LEU A 258 31.71 -18.85 24.47
C LEU A 258 30.76 -19.04 25.65
N ILE A 259 29.74 -19.90 25.50
CA ILE A 259 28.86 -20.28 26.62
C ILE A 259 29.68 -20.89 27.75
N ALA A 260 30.49 -21.89 27.41
CA ALA A 260 31.46 -22.50 28.33
C ALA A 260 32.37 -21.46 28.98
N LYS A 261 33.00 -20.62 28.15
CA LYS A 261 33.89 -19.56 28.65
C LYS A 261 33.24 -18.64 29.70
N PHE A 262 32.04 -18.14 29.42
CA PHE A 262 31.41 -17.19 30.34
C PHE A 262 30.75 -17.88 31.52
N LYS A 263 30.43 -19.17 31.37
CA LYS A 263 30.01 -19.94 32.53
C LYS A 263 31.23 -20.19 33.46
N GLU A 264 32.38 -20.52 32.88
CA GLU A 264 33.68 -20.66 33.62
C GLU A 264 34.07 -19.39 34.43
N GLU A 265 33.63 -18.23 33.93
CA GLU A 265 33.75 -16.94 34.64
C GLU A 265 32.51 -16.68 35.54
N GLY A 266 31.70 -17.72 35.79
CA GLY A 266 30.46 -17.64 36.60
C GLY A 266 29.52 -16.51 36.24
N LYS A 267 29.06 -16.51 34.98
CA LYS A 267 28.16 -15.46 34.46
C LYS A 267 26.96 -16.14 33.82
N LYS A 268 25.81 -15.46 33.91
CA LYS A 268 24.55 -15.96 33.36
C LYS A 268 24.53 -15.65 31.84
N VAL A 269 24.46 -16.71 31.03
CA VAL A 269 24.49 -16.63 29.56
C VAL A 269 23.12 -16.79 28.88
N GLY A 270 22.79 -15.81 28.03
CA GLY A 270 21.61 -15.88 27.17
C GLY A 270 22.03 -16.05 25.74
N VAL A 271 21.25 -16.80 24.96
CA VAL A 271 21.53 -16.90 23.52
C VAL A 271 20.25 -16.76 22.69
N ILE A 272 20.34 -15.93 21.64
CA ILE A 272 19.27 -15.72 20.63
C ILE A 272 19.73 -16.29 19.25
N GLY A 273 18.90 -17.17 18.68
CA GLY A 273 19.21 -17.79 17.40
C GLY A 273 18.42 -19.06 17.19
N SER A 274 18.95 -19.96 16.37
CA SER A 274 18.24 -21.19 15.97
C SER A 274 18.79 -22.48 16.54
N GLY A 275 20.08 -22.55 16.81
CA GLY A 275 20.71 -23.78 17.33
C GLY A 275 20.20 -24.18 18.69
N SER A 276 20.51 -25.41 19.08
CA SER A 276 20.20 -25.87 20.45
C SER A 276 21.46 -25.70 21.26
N TYR A 277 21.33 -24.98 22.37
CA TYR A 277 22.50 -24.62 23.16
C TYR A 277 22.22 -24.92 24.63
N ASP A 278 23.29 -25.14 25.38
CA ASP A 278 23.23 -25.38 26.80
C ASP A 278 23.45 -24.05 27.52
N ALA A 279 22.42 -23.20 27.53
CA ALA A 279 22.56 -21.92 28.19
C ALA A 279 21.51 -21.69 29.26
N ASP A 280 21.73 -20.65 30.08
CA ASP A 280 20.78 -20.25 31.12
C ASP A 280 19.42 -19.82 30.52
N GLU A 281 19.47 -19.07 29.43
CA GLU A 281 18.28 -18.66 28.69
C GLU A 281 18.54 -18.81 27.21
N VAL A 282 17.59 -19.35 26.47
CA VAL A 282 17.69 -19.47 25.00
C VAL A 282 16.38 -19.07 24.33
N PHE A 283 16.37 -17.96 23.57
CA PHE A 283 15.22 -17.55 22.75
C PHE A 283 15.41 -18.04 21.28
N TYR A 284 14.50 -18.86 20.80
CA TYR A 284 14.43 -19.27 19.40
C TYR A 284 13.71 -18.16 18.60
N LEU A 285 14.42 -17.48 17.68
CA LEU A 285 13.89 -16.34 16.94
C LEU A 285 13.18 -16.71 15.65
N GLY A 286 13.45 -17.90 15.11
CA GLY A 286 12.76 -18.41 13.88
C GLY A 286 13.67 -18.77 12.71
N ASP A 287 13.10 -19.44 11.70
CA ASP A 287 13.89 -19.99 10.58
C ASP A 287 14.25 -18.93 9.56
N THR A 288 13.24 -18.16 9.16
CA THR A 288 13.38 -17.04 8.20
C THR A 288 13.83 -15.71 8.86
N VAL A 289 14.42 -14.83 8.04
CA VAL A 289 14.77 -13.45 8.44
C VAL A 289 13.56 -12.59 8.85
N GLU A 290 12.43 -12.80 8.20
CA GLU A 290 11.21 -12.12 8.50
C GLU A 290 10.80 -12.44 9.97
N GLU A 291 10.79 -13.72 10.34
CA GLU A 291 10.44 -14.19 11.71
C GLU A 291 11.40 -13.63 12.74
N ILE A 292 12.66 -13.52 12.38
CA ILE A 292 13.68 -12.98 13.27
C ILE A 292 13.39 -11.52 13.65
N ALA A 293 13.09 -10.71 12.64
CA ALA A 293 12.77 -9.30 12.80
C ALA A 293 11.53 -9.16 13.67
N ARG A 294 10.55 -10.02 13.45
CA ARG A 294 9.34 -10.03 14.24
C ARG A 294 9.54 -10.30 15.74
N ASN A 295 10.51 -11.15 16.06
CA ASN A 295 10.81 -11.53 17.46
C ASN A 295 12.06 -10.89 18.09
N LEU A 296 12.73 -10.01 17.37
CA LEU A 296 14.01 -9.53 17.84
C LEU A 296 13.90 -8.81 19.18
N PHE A 297 13.11 -7.77 19.21
CA PHE A 297 13.02 -6.93 20.38
C PHE A 297 12.35 -7.66 21.56
N LYS A 298 11.32 -8.45 21.27
CA LYS A 298 10.71 -9.30 22.25
C LYS A 298 11.79 -10.11 22.93
N ALA A 299 12.64 -10.75 22.13
CA ALA A 299 13.75 -11.54 22.65
C ALA A 299 14.70 -10.75 23.57
N LEU A 300 15.23 -9.64 23.06
CA LEU A 300 16.11 -8.74 23.86
C LEU A 300 15.48 -8.22 25.16
N ARG A 301 14.20 -7.95 25.15
CA ARG A 301 13.53 -7.58 26.38
C ARG A 301 13.38 -8.74 27.36
N HIS A 302 13.26 -9.96 26.86
CA HIS A 302 13.24 -11.16 27.70
C HIS A 302 14.62 -11.38 28.36
N MET A 303 15.68 -11.21 27.60
CA MET A 303 17.04 -11.27 28.14
C MET A 303 17.32 -10.23 29.25
N ASP A 304 16.80 -9.02 29.13
CA ASP A 304 16.99 -7.97 30.16
C ASP A 304 16.18 -8.30 31.42
N ARG A 305 14.99 -8.89 31.23
CA ARG A 305 14.15 -9.31 32.36
C ARG A 305 14.79 -10.43 33.21
N THR A 306 15.35 -11.43 32.53
CA THR A 306 16.00 -12.56 33.19
C THR A 306 17.40 -12.22 33.77
N GLY A 307 17.79 -10.95 33.69
CA GLY A 307 19.10 -10.47 34.17
C GLY A 307 20.35 -11.28 33.76
N VAL A 308 20.39 -11.83 32.54
CA VAL A 308 21.61 -12.48 32.06
C VAL A 308 22.74 -11.46 31.91
N ASP A 309 23.97 -11.91 32.12
CA ASP A 309 25.13 -11.01 32.05
C ASP A 309 25.63 -10.83 30.61
N VAL A 310 25.52 -11.88 29.79
CA VAL A 310 25.92 -11.85 28.37
C VAL A 310 24.80 -12.38 27.45
N ILE A 311 24.67 -11.73 26.29
CA ILE A 311 23.77 -12.20 25.23
C ILE A 311 24.63 -12.56 24.01
N LEU A 312 24.48 -13.79 23.56
CA LEU A 312 25.12 -14.24 22.36
C LEU A 312 24.10 -14.36 21.23
N ALA A 313 24.31 -13.63 20.15
CA ALA A 313 23.39 -13.66 19.01
C ALA A 313 24.04 -14.24 17.74
N GLU A 314 23.30 -15.12 17.07
CA GLU A 314 23.69 -15.59 15.77
C GLU A 314 23.41 -14.48 14.78
N GLY A 315 24.36 -14.17 13.92
CA GLY A 315 24.13 -13.25 12.81
C GLY A 315 23.05 -13.73 11.81
N VAL A 316 22.69 -12.87 10.86
CA VAL A 316 21.84 -13.25 9.73
C VAL A 316 22.43 -12.53 8.53
N GLU A 317 22.00 -12.96 7.35
CA GLU A 317 22.41 -12.40 6.05
C GLU A 317 22.02 -10.91 5.99
N GLU A 318 22.97 -9.99 5.74
CA GLU A 318 22.60 -8.56 5.51
C GLU A 318 21.72 -8.34 4.19
N LYS A 319 20.49 -8.87 4.20
CA LYS A 319 19.59 -8.95 3.02
C LYS A 319 18.09 -9.18 3.37
N GLY A 320 17.23 -8.46 2.65
CA GLY A 320 15.80 -8.32 3.01
C GLY A 320 15.78 -7.53 4.31
N LEU A 321 14.99 -8.04 5.25
CA LEU A 321 14.97 -7.47 6.59
C LEU A 321 16.26 -7.59 7.39
N GLY A 322 17.17 -8.45 6.96
CA GLY A 322 18.39 -8.72 7.71
C GLY A 322 19.33 -7.56 7.80
N LEU A 323 19.27 -6.60 6.86
CA LEU A 323 20.14 -5.41 7.01
C LEU A 323 19.77 -4.72 8.34
N ALA A 324 18.47 -4.65 8.59
CA ALA A 324 17.89 -3.95 9.74
C ALA A 324 18.16 -4.71 11.01
N VAL A 325 17.85 -6.00 11.02
CA VAL A 325 18.07 -6.75 12.26
C VAL A 325 19.54 -6.76 12.68
N MET A 326 20.43 -6.78 11.70
CA MET A 326 21.85 -6.69 11.96
C MET A 326 22.23 -5.30 12.39
N ASN A 327 21.64 -4.30 11.80
CA ASN A 327 21.94 -2.92 12.17
C ASN A 327 21.61 -2.68 13.64
N ARG A 328 20.47 -3.21 14.08
CA ARG A 328 19.97 -2.95 15.44
C ARG A 328 20.78 -3.78 16.42
N LEU A 329 21.13 -5.01 16.05
CA LEU A 329 22.01 -5.85 16.88
C LEU A 329 23.37 -5.24 17.06
N ARG A 330 23.93 -4.77 15.94
CA ARG A 330 25.25 -4.18 15.93
C ARG A 330 25.31 -2.86 16.71
N LYS A 331 24.17 -2.20 16.92
CA LYS A 331 24.08 -0.96 17.68
C LYS A 331 23.83 -1.20 19.15
N ALA A 332 23.45 -2.40 19.48
CA ALA A 332 23.17 -2.77 20.84
C ALA A 332 24.39 -3.38 21.52
N SER A 333 25.13 -4.23 20.78
CA SER A 333 26.36 -4.86 21.28
C SER A 333 27.56 -3.97 21.31
N GLY A 334 27.41 -2.83 20.62
CA GLY A 334 28.44 -1.82 20.50
C GLY A 334 29.40 -2.28 19.44
N TYR A 335 28.86 -2.95 18.41
CA TYR A 335 29.63 -3.55 17.34
C TYR A 335 30.69 -4.47 17.95
N ARG A 336 30.31 -5.33 18.90
CA ARG A 336 31.24 -6.35 19.35
C ARG A 336 30.88 -7.57 18.55
N ILE A 337 31.61 -7.80 17.48
CA ILE A 337 31.29 -8.84 16.55
C ILE A 337 32.47 -9.77 16.45
N ILE A 338 32.16 -11.06 16.43
CA ILE A 338 33.12 -12.08 16.12
C ILE A 338 32.74 -12.60 14.74
N LYS A 339 33.68 -12.50 13.79
CA LYS A 339 33.55 -12.98 12.41
C LYS A 339 34.31 -14.32 12.26
N VAL A 340 33.61 -15.40 11.93
CA VAL A 340 34.24 -16.70 11.66
C VAL A 340 34.13 -16.97 10.14
N HIS A 341 35.18 -17.58 9.59
CA HIS A 341 35.31 -17.76 8.13
C HIS A 341 35.59 -19.22 7.82
N HIS A 342 35.12 -19.67 6.66
CA HIS A 342 35.66 -20.89 6.05
C HIS A 342 37.11 -20.59 5.70
N HIS A 343 38.03 -21.47 6.14
CA HIS A 343 39.47 -21.35 5.83
C HIS A 343 39.73 -21.63 4.34
N HIS A 344 40.58 -20.76 3.76
CA HIS A 344 41.13 -20.90 2.39
C HIS A 344 42.66 -20.98 2.47
N HIS A 345 43.26 -22.14 2.16
CA HIS A 345 44.72 -22.37 2.25
C HIS A 345 45.23 -23.19 1.07
N MET B 1 -23.39 14.17 -34.51
CA MET B 1 -22.34 13.46 -35.35
C MET B 1 -22.07 11.93 -35.10
N THR B 2 -22.51 11.40 -33.95
CA THR B 2 -22.27 10.02 -33.57
C THR B 2 -23.04 9.02 -34.41
N ILE B 3 -22.38 7.96 -34.84
CA ILE B 3 -23.03 6.81 -35.45
C ILE B 3 -23.03 5.60 -34.47
N ILE B 4 -24.20 5.07 -34.15
CA ILE B 4 -24.29 3.90 -33.30
C ILE B 4 -24.53 2.66 -34.15
N ILE B 5 -23.65 1.67 -34.00
CA ILE B 5 -23.74 0.45 -34.79
C ILE B 5 -24.15 -0.67 -33.85
N ASN B 6 -25.35 -1.19 -34.03
CA ASN B 6 -25.83 -2.29 -33.21
C ASN B 6 -25.38 -3.59 -33.85
N VAL B 7 -24.53 -4.30 -33.12
CA VAL B 7 -23.98 -5.56 -33.55
C VAL B 7 -24.21 -6.56 -32.42
N ARG B 8 -25.25 -6.37 -31.60
CA ARG B 8 -25.46 -7.23 -30.42
C ARG B 8 -26.11 -8.60 -30.71
N GLU B 9 -26.71 -8.79 -31.88
CA GLU B 9 -27.28 -10.09 -32.30
C GLU B 9 -26.29 -10.93 -33.12
N ARG B 10 -25.75 -10.37 -34.20
CA ARG B 10 -24.63 -11.02 -34.91
C ARG B 10 -23.73 -9.99 -35.58
N ILE B 11 -22.46 -10.35 -35.73
CA ILE B 11 -21.45 -9.47 -36.32
C ILE B 11 -21.50 -9.56 -37.83
N GLU B 12 -21.61 -8.41 -38.49
CA GLU B 12 -21.43 -8.29 -39.95
C GLU B 12 -20.20 -7.44 -40.20
N GLU B 13 -19.27 -7.95 -41.00
CA GLU B 13 -17.98 -7.29 -41.19
C GLU B 13 -18.04 -5.89 -41.80
N TRP B 14 -19.04 -5.64 -42.64
CA TRP B 14 -19.18 -4.34 -43.32
C TRP B 14 -19.45 -3.23 -42.26
N LYS B 15 -20.17 -3.63 -41.19
CA LYS B 15 -20.49 -2.74 -40.08
C LYS B 15 -19.23 -2.38 -39.29
N ILE B 16 -18.40 -3.38 -39.01
CA ILE B 16 -17.13 -3.15 -38.33
C ILE B 16 -16.19 -2.30 -39.22
N ARG B 17 -16.25 -2.46 -40.53
CA ARG B 17 -15.41 -1.62 -41.43
C ARG B 17 -15.66 -0.13 -41.26
N ILE B 18 -16.90 0.25 -40.94
CA ILE B 18 -17.22 1.67 -40.72
C ILE B 18 -16.39 2.17 -39.53
N ALA B 19 -16.47 1.45 -38.42
CA ALA B 19 -15.73 1.78 -37.19
C ALA B 19 -14.25 1.83 -37.47
N ALA B 20 -13.77 0.77 -38.12
CA ALA B 20 -12.37 0.67 -38.51
C ALA B 20 -11.86 1.86 -39.32
N GLY B 21 -12.70 2.36 -40.23
CA GLY B 21 -12.39 3.56 -40.98
C GLY B 21 -12.25 4.81 -40.10
N PHE B 22 -13.13 4.95 -39.11
CA PHE B 22 -12.99 6.05 -38.16
C PHE B 22 -11.68 5.98 -37.39
N ILE B 23 -11.28 4.75 -37.04
CA ILE B 23 -10.04 4.55 -36.26
C ILE B 23 -8.87 5.06 -37.08
N ARG B 24 -8.82 4.68 -38.38
CA ARG B 24 -7.74 5.11 -39.28
C ARG B 24 -7.73 6.60 -39.53
N GLU B 25 -8.89 7.23 -39.63
CA GLU B 25 -8.95 8.67 -39.80
C GLU B 25 -8.71 9.46 -38.50
N GLY B 26 -8.33 8.80 -37.41
CA GLY B 26 -8.01 9.54 -36.19
C GLY B 26 -9.18 10.01 -35.36
N LYS B 27 -10.31 9.36 -35.54
CA LYS B 27 -11.56 9.67 -34.85
C LYS B 27 -11.74 8.66 -33.70
N LEU B 28 -12.73 8.94 -32.82
CA LEU B 28 -13.07 8.10 -31.66
C LEU B 28 -14.22 7.11 -31.86
N VAL B 29 -14.03 5.90 -31.34
CA VAL B 29 -14.96 4.80 -31.45
C VAL B 29 -15.06 4.11 -30.09
N ALA B 30 -16.22 4.18 -29.45
CA ALA B 30 -16.47 3.38 -28.25
C ALA B 30 -16.86 1.97 -28.70
N PHE B 31 -16.36 0.95 -28.00
CA PHE B 31 -16.53 -0.46 -28.38
C PHE B 31 -16.64 -1.36 -27.14
N PRO B 32 -17.36 -2.49 -27.26
CA PRO B 32 -17.50 -3.38 -26.14
C PRO B 32 -16.27 -4.26 -25.98
N THR B 33 -16.19 -4.90 -24.83
CA THR B 33 -15.06 -5.67 -24.38
C THR B 33 -15.64 -6.65 -23.30
N GLU B 34 -14.86 -7.61 -22.82
CA GLU B 34 -15.40 -8.51 -21.79
C GLU B 34 -15.48 -7.87 -20.39
N THR B 35 -14.76 -6.78 -20.21
CA THR B 35 -14.65 -6.02 -18.95
C THR B 35 -15.64 -4.85 -18.90
N VAL B 36 -15.28 -3.75 -19.53
CA VAL B 36 -16.17 -2.60 -19.68
C VAL B 36 -15.99 -2.10 -21.09
N TYR B 37 -16.83 -1.18 -21.51
CA TYR B 37 -16.70 -0.53 -22.81
C TYR B 37 -15.51 0.36 -22.75
N GLY B 38 -14.85 0.52 -23.90
CA GLY B 38 -13.68 1.40 -24.01
C GLY B 38 -13.81 2.46 -25.07
N LEU B 39 -13.13 3.60 -24.85
CA LEU B 39 -13.18 4.75 -25.79
C LEU B 39 -11.91 4.77 -26.59
N GLY B 40 -11.98 4.23 -27.80
CA GLY B 40 -10.78 3.97 -28.58
C GLY B 40 -10.34 5.01 -29.61
N ALA B 41 -9.03 5.08 -29.83
CA ALA B 41 -8.43 5.81 -30.95
C ALA B 41 -7.20 5.06 -31.38
N ASN B 42 -6.69 5.39 -32.55
CA ASN B 42 -5.41 4.88 -33.03
C ASN B 42 -4.29 5.29 -32.06
N ALA B 43 -3.63 4.29 -31.47
CA ALA B 43 -2.57 4.54 -30.48
C ALA B 43 -1.33 5.18 -31.11
N LEU B 44 -1.15 5.00 -32.41
CA LEU B 44 -0.01 5.61 -33.06
C LEU B 44 -0.24 7.07 -33.52
N ASP B 45 -1.44 7.60 -33.31
CA ASP B 45 -1.87 8.89 -33.79
C ASP B 45 -1.98 9.76 -32.57
N GLU B 46 -0.93 10.52 -32.34
CA GLU B 46 -0.82 11.36 -31.16
C GLU B 46 -2.06 12.31 -30.99
N ASN B 47 -2.61 12.79 -32.09
CA ASN B 47 -3.71 13.76 -31.99
C ASN B 47 -5.05 13.10 -31.74
N ALA B 48 -5.18 11.88 -32.28
CA ALA B 48 -6.34 11.05 -31.99
C ALA B 48 -6.41 10.74 -30.48
N VAL B 49 -5.25 10.39 -29.93
CA VAL B 49 -5.16 10.06 -28.51
C VAL B 49 -5.51 11.26 -27.63
N LYS B 50 -5.08 12.46 -27.99
CA LYS B 50 -5.42 13.66 -27.21
C LYS B 50 -6.92 13.84 -27.05
N ARG B 51 -7.64 13.51 -28.14
CA ARG B 51 -9.09 13.62 -28.18
C ARG B 51 -9.82 12.71 -27.17
N ILE B 52 -9.21 11.59 -26.81
CA ILE B 52 -9.73 10.71 -25.74
C ILE B 52 -9.68 11.45 -24.42
N PHE B 53 -8.54 12.06 -24.14
CA PHE B 53 -8.34 12.81 -22.88
C PHE B 53 -9.31 13.98 -22.74
N GLU B 54 -9.45 14.74 -23.85
CA GLU B 54 -10.38 15.91 -23.94
C GLU B 54 -11.82 15.47 -23.81
N ALA B 55 -12.22 14.43 -24.52
CA ALA B 55 -13.58 13.95 -24.45
C ALA B 55 -13.97 13.54 -23.06
N LYS B 56 -13.09 12.80 -22.39
CA LYS B 56 -13.35 12.31 -21.03
C LYS B 56 -13.14 13.35 -19.92
N GLY B 57 -12.34 14.38 -20.21
CA GLY B 57 -11.96 15.35 -19.16
C GLY B 57 -11.01 14.66 -18.18
N ARG B 58 -9.96 14.05 -18.77
CA ARG B 58 -9.00 13.20 -18.08
C ARG B 58 -7.59 13.84 -17.94
N PRO B 59 -7.05 13.83 -16.71
CA PRO B 59 -5.68 14.24 -16.47
C PRO B 59 -4.73 13.60 -17.44
N ALA B 60 -3.79 14.36 -17.98
CA ALA B 60 -2.93 13.86 -19.05
C ALA B 60 -1.91 12.79 -18.59
N ASP B 61 -1.78 12.64 -17.27
CA ASP B 61 -0.81 11.74 -16.66
C ASP B 61 -1.46 10.44 -16.16
N ASN B 62 -2.73 10.23 -16.48
CA ASN B 62 -3.37 8.93 -16.26
C ASN B 62 -3.24 8.12 -17.57
N PRO B 63 -2.37 7.09 -17.59
CA PRO B 63 -2.05 6.50 -18.88
C PRO B 63 -3.16 5.66 -19.44
N LEU B 64 -3.07 5.37 -20.73
CA LEU B 64 -4.08 4.62 -21.44
C LEU B 64 -3.56 3.21 -21.73
N ILE B 65 -4.45 2.23 -21.72
CA ILE B 65 -4.14 0.87 -22.07
C ILE B 65 -4.32 0.69 -23.60
N ILE B 66 -3.33 0.12 -24.25
CA ILE B 66 -3.35 -0.13 -25.68
C ILE B 66 -3.86 -1.56 -25.92
N HIS B 67 -4.83 -1.71 -26.83
CA HIS B 67 -5.44 -2.99 -27.14
C HIS B 67 -4.95 -3.53 -28.44
N ILE B 68 -4.65 -4.83 -28.46
CA ILE B 68 -4.00 -5.53 -29.59
C ILE B 68 -4.75 -6.81 -29.94
N ALA B 69 -4.61 -7.27 -31.18
CA ALA B 69 -5.31 -8.50 -31.61
C ALA B 69 -4.40 -9.67 -31.83
N SER B 70 -3.10 -9.37 -32.03
CA SER B 70 -2.06 -10.37 -32.24
C SER B 70 -0.76 -10.13 -31.40
N PHE B 71 -0.03 -11.22 -31.13
CA PHE B 71 1.19 -11.17 -30.32
C PHE B 71 2.34 -10.42 -30.96
N GLU B 72 2.39 -10.38 -32.29
CA GLU B 72 3.41 -9.59 -33.00
C GLU B 72 3.30 -8.10 -32.69
N GLN B 73 2.09 -7.61 -32.50
CA GLN B 73 1.89 -6.19 -32.07
C GLN B 73 2.55 -5.85 -30.70
N LEU B 74 2.61 -6.84 -29.79
CA LEU B 74 3.24 -6.64 -28.49
C LEU B 74 4.68 -6.19 -28.62
N GLU B 75 5.38 -6.88 -29.52
CA GLU B 75 6.80 -6.68 -29.75
C GLU B 75 7.13 -5.34 -30.41
N VAL B 76 6.13 -4.74 -31.04
CA VAL B 76 6.21 -3.40 -31.63
C VAL B 76 6.09 -2.28 -30.59
N LEU B 77 5.15 -2.47 -29.66
CA LEU B 77 4.79 -1.46 -28.66
C LEU B 77 5.70 -1.43 -27.45
N ALA B 78 6.30 -2.58 -27.16
CA ALA B 78 7.20 -2.74 -26.02
C ALA B 78 8.60 -3.23 -26.40
N LYS B 79 9.57 -2.85 -25.59
CA LYS B 79 10.94 -3.34 -25.71
C LYS B 79 11.38 -4.05 -24.40
N GLU B 80 12.36 -4.92 -24.56
CA GLU B 80 13.00 -5.57 -23.44
C GLU B 80 11.95 -6.36 -22.63
N ILE B 81 11.10 -7.10 -23.33
CA ILE B 81 10.01 -7.85 -22.68
C ILE B 81 10.55 -9.10 -21.96
N PRO B 82 10.38 -9.22 -20.64
CA PRO B 82 10.91 -10.47 -20.01
C PRO B 82 10.21 -11.74 -20.47
N GLU B 83 10.88 -12.91 -20.40
CA GLU B 83 10.27 -14.22 -20.80
C GLU B 83 8.97 -14.42 -20.04
N GLU B 84 8.95 -13.96 -18.78
CA GLU B 84 7.80 -14.23 -17.91
C GLU B 84 6.58 -13.47 -18.39
N ALA B 85 6.80 -12.29 -18.99
CA ALA B 85 5.69 -11.53 -19.55
C ALA B 85 5.14 -12.24 -20.77
N GLU B 86 6.06 -12.72 -21.58
CA GLU B 86 5.73 -13.49 -22.73
C GLU B 86 4.98 -14.73 -22.39
N MET B 87 5.26 -15.39 -21.28
CA MET B 87 4.54 -16.61 -20.99
C MET B 87 3.18 -16.31 -20.38
N LEU B 88 3.06 -15.19 -19.68
CA LEU B 88 1.75 -14.82 -19.08
C LEU B 88 0.76 -14.38 -20.15
N ALA B 89 1.29 -13.70 -21.16
CA ALA B 89 0.50 -13.25 -22.30
C ALA B 89 -0.05 -14.43 -23.06
N LYS B 90 0.82 -15.37 -23.30
CA LYS B 90 0.50 -16.60 -23.98
C LYS B 90 -0.54 -17.44 -23.24
N ARG B 91 -0.55 -17.36 -21.93
CA ARG B 91 -1.46 -18.13 -21.14
C ARG B 91 -2.78 -17.49 -20.89
N PHE B 92 -2.79 -16.17 -20.72
CA PHE B 92 -4.02 -15.49 -20.32
C PHE B 92 -4.67 -14.62 -21.39
N TRP B 93 -4.01 -14.43 -22.53
CA TRP B 93 -4.57 -13.64 -23.63
C TRP B 93 -5.16 -14.52 -24.77
N PRO B 94 -6.32 -14.17 -25.35
CA PRO B 94 -7.07 -12.93 -25.03
C PRO B 94 -7.74 -13.07 -23.70
N GLY B 95 -7.82 -11.95 -22.98
CA GLY B 95 -8.36 -11.97 -21.63
C GLY B 95 -8.16 -10.70 -20.81
N PRO B 96 -8.80 -10.67 -19.62
CA PRO B 96 -8.91 -9.45 -18.81
C PRO B 96 -7.65 -9.17 -17.96
N LEU B 97 -6.51 -9.17 -18.64
CA LEU B 97 -5.23 -8.99 -18.06
C LEU B 97 -4.50 -7.99 -18.92
N THR B 98 -3.95 -6.97 -18.25
CA THR B 98 -3.20 -5.91 -18.84
C THR B 98 -1.80 -5.96 -18.23
N LEU B 99 -0.78 -6.03 -19.09
CA LEU B 99 0.62 -6.02 -18.65
C LEU B 99 1.28 -4.64 -18.83
N VAL B 100 2.07 -4.20 -17.86
CA VAL B 100 2.82 -2.95 -17.95
C VAL B 100 4.25 -3.34 -18.29
N LEU B 101 4.78 -2.72 -19.32
CA LEU B 101 6.03 -3.16 -19.88
C LEU B 101 6.84 -1.97 -20.28
N PRO B 102 8.15 -2.16 -20.53
CA PRO B 102 8.92 -1.01 -21.01
C PRO B 102 8.45 -0.62 -22.41
N LYS B 103 8.15 0.66 -22.65
CA LYS B 103 7.69 1.08 -23.99
C LYS B 103 8.83 1.22 -25.01
N SER B 104 8.50 0.96 -26.26
CA SER B 104 9.39 1.24 -27.36
C SER B 104 9.29 2.72 -27.76
N GLU B 105 10.11 3.13 -28.73
CA GLU B 105 10.09 4.52 -29.17
C GLU B 105 8.84 4.85 -30.04
N VAL B 106 8.24 3.84 -30.71
CA VAL B 106 7.05 4.05 -31.59
C VAL B 106 5.79 4.58 -30.86
N VAL B 107 5.68 4.34 -29.56
CA VAL B 107 4.50 4.69 -28.77
C VAL B 107 4.58 6.16 -28.35
N PRO B 108 3.62 6.99 -28.76
CA PRO B 108 3.58 8.39 -28.33
C PRO B 108 3.54 8.60 -26.83
N ARG B 109 4.23 9.63 -26.33
CA ARG B 109 4.31 9.90 -24.89
C ARG B 109 2.97 10.29 -24.28
N VAL B 110 2.07 10.80 -25.12
CA VAL B 110 0.71 11.19 -24.66
C VAL B 110 -0.16 9.98 -24.21
N ILE B 111 0.09 8.79 -24.79
CA ILE B 111 -0.51 7.54 -24.26
C ILE B 111 -0.10 7.23 -22.85
N THR B 112 1.21 7.29 -22.60
CA THR B 112 1.82 6.83 -21.34
C THR B 112 1.91 7.88 -20.26
N GLY B 113 1.44 9.09 -20.53
CA GLY B 113 1.42 10.16 -19.53
C GLY B 113 2.80 10.54 -19.03
N GLY B 114 3.73 10.66 -20.00
CA GLY B 114 5.16 10.91 -19.76
C GLY B 114 6.08 9.76 -19.30
N LEU B 115 5.52 8.59 -19.02
CA LEU B 115 6.24 7.46 -18.44
C LEU B 115 7.03 6.64 -19.46
N ASP B 116 7.98 5.86 -18.94
CA ASP B 116 8.81 4.95 -19.77
C ASP B 116 8.11 3.64 -20.08
N THR B 117 6.94 3.42 -19.46
CA THR B 117 6.25 2.19 -19.56
C THR B 117 4.97 2.35 -20.38
N VAL B 118 4.48 1.21 -20.89
CA VAL B 118 3.27 1.10 -21.69
C VAL B 118 2.41 -0.04 -21.15
N ALA B 119 1.09 0.14 -21.14
CA ALA B 119 0.16 -0.89 -20.67
C ALA B 119 -0.52 -1.48 -21.88
N VAL B 120 -0.41 -2.80 -22.05
CA VAL B 120 -0.99 -3.52 -23.19
C VAL B 120 -2.00 -4.59 -22.71
N ARG B 121 -3.00 -4.83 -23.56
CA ARG B 121 -4.03 -5.81 -23.33
C ARG B 121 -4.52 -6.38 -24.66
N MET B 122 -4.87 -7.65 -24.65
CA MET B 122 -5.48 -8.32 -25.78
C MET B 122 -6.89 -8.75 -25.30
N PRO B 123 -7.93 -8.02 -25.72
CA PRO B 123 -9.24 -8.22 -25.15
C PRO B 123 -9.90 -9.47 -25.68
N ALA B 124 -10.49 -10.24 -24.79
CA ALA B 124 -11.26 -11.44 -25.16
C ALA B 124 -12.67 -11.09 -25.53
N HIS B 125 -12.82 -10.49 -26.71
CA HIS B 125 -14.11 -10.12 -27.26
C HIS B 125 -13.97 -9.99 -28.76
N GLU B 126 -14.85 -10.71 -29.49
CA GLU B 126 -14.78 -10.85 -30.94
C GLU B 126 -14.90 -9.51 -31.70
N ILE B 127 -15.80 -8.63 -31.25
CA ILE B 127 -15.94 -7.26 -31.79
C ILE B 127 -14.64 -6.43 -31.62
N ALA B 128 -14.12 -6.36 -30.40
CA ALA B 128 -12.89 -5.59 -30.11
C ALA B 128 -11.75 -6.06 -31.00
N LEU B 129 -11.62 -7.37 -31.13
CA LEU B 129 -10.54 -7.97 -31.89
C LEU B 129 -10.67 -7.62 -33.36
N LYS B 130 -11.90 -7.82 -33.89
CA LYS B 130 -12.20 -7.48 -35.31
C LYS B 130 -11.92 -6.01 -35.61
N LEU B 131 -12.35 -5.12 -34.71
CA LEU B 131 -12.08 -3.68 -34.86
C LEU B 131 -10.56 -3.41 -34.99
N ILE B 132 -9.77 -4.05 -34.12
CA ILE B 132 -8.32 -3.90 -34.12
C ILE B 132 -7.75 -4.49 -35.43
N GLU B 133 -8.26 -5.66 -35.83
CA GLU B 133 -7.82 -6.36 -37.05
C GLU B 133 -8.07 -5.49 -38.28
N LEU B 134 -9.33 -5.09 -38.46
CA LEU B 134 -9.74 -4.31 -39.64
C LEU B 134 -9.16 -2.91 -39.67
N SER B 135 -8.96 -2.30 -38.51
CA SER B 135 -8.28 -0.99 -38.46
C SER B 135 -6.84 -1.08 -38.91
N GLU B 136 -6.22 -2.24 -38.64
CA GLU B 136 -4.79 -2.45 -38.78
C GLU B 136 -3.99 -1.45 -37.95
N ARG B 137 -4.49 -1.16 -36.74
CA ARG B 137 -3.81 -0.26 -35.81
C ARG B 137 -4.04 -0.76 -34.39
N PRO B 138 -3.03 -0.68 -33.53
CA PRO B 138 -3.36 -0.87 -32.12
C PRO B 138 -4.26 0.28 -31.60
N ILE B 139 -5.20 -0.07 -30.73
CA ILE B 139 -6.20 0.88 -30.27
C ILE B 139 -6.04 1.21 -28.80
N ALA B 140 -5.64 2.44 -28.54
CA ALA B 140 -5.60 2.97 -27.17
C ALA B 140 -7.02 3.19 -26.73
N ALA B 141 -7.37 2.79 -25.51
CA ALA B 141 -8.75 2.83 -25.08
C ALA B 141 -8.99 2.67 -23.55
N PRO B 142 -9.09 3.80 -22.81
CA PRO B 142 -9.56 3.80 -21.42
C PRO B 142 -11.03 3.46 -21.36
N SER B 143 -11.65 3.45 -20.17
CA SER B 143 -13.08 3.17 -20.09
C SER B 143 -13.85 4.31 -20.74
N ALA B 144 -15.00 3.99 -21.38
CA ALA B 144 -15.79 4.94 -22.21
C ALA B 144 -16.81 5.73 -21.40
N ASN B 145 -16.31 6.58 -20.52
CA ASN B 145 -17.15 7.38 -19.64
C ASN B 145 -16.46 8.71 -19.37
N ILE B 146 -17.24 9.67 -18.88
CA ILE B 146 -16.69 10.96 -18.46
C ILE B 146 -15.92 10.72 -17.16
N SER B 147 -14.70 11.25 -17.06
CA SER B 147 -13.87 11.03 -15.85
C SER B 147 -14.63 11.59 -14.67
N GLY B 148 -14.85 10.75 -13.66
CA GLY B 148 -15.68 11.08 -12.53
C GLY B 148 -16.94 10.23 -12.44
N LYS B 149 -17.47 9.80 -13.59
CA LYS B 149 -18.69 8.97 -13.62
C LYS B 149 -18.29 7.51 -13.51
N PRO B 150 -19.23 6.62 -13.16
CA PRO B 150 -18.81 5.20 -13.19
C PRO B 150 -18.47 4.66 -14.60
N SER B 151 -17.75 3.53 -14.64
CA SER B 151 -17.37 2.91 -15.88
C SER B 151 -18.60 2.33 -16.61
N PRO B 152 -18.56 2.30 -17.94
CA PRO B 152 -19.69 1.84 -18.71
C PRO B 152 -19.65 0.35 -19.00
N THR B 153 -20.75 -0.36 -18.79
CA THR B 153 -20.86 -1.75 -19.18
C THR B 153 -21.88 -2.03 -20.25
N SER B 154 -22.47 -0.96 -20.80
CA SER B 154 -23.41 -1.09 -21.89
C SER B 154 -23.25 0.08 -22.80
N ALA B 155 -23.80 0.00 -24.01
CA ALA B 155 -23.73 1.13 -24.95
C ALA B 155 -24.68 2.25 -24.55
N HIS B 156 -25.68 1.94 -23.72
CA HIS B 156 -26.61 2.96 -23.16
C HIS B 156 -25.79 3.94 -22.29
N HIS B 157 -24.90 3.39 -21.47
CA HIS B 157 -23.98 4.18 -20.64
C HIS B 157 -23.04 5.05 -21.47
N VAL B 158 -22.53 4.50 -22.55
CA VAL B 158 -21.64 5.25 -23.40
C VAL B 158 -22.41 6.41 -24.05
N ALA B 159 -23.62 6.12 -24.51
CA ALA B 159 -24.46 7.09 -25.20
C ALA B 159 -24.84 8.24 -24.31
N GLU B 160 -25.24 7.94 -23.05
CA GLU B 160 -25.62 8.97 -22.09
C GLU B 160 -24.50 9.92 -21.72
N ASP B 161 -23.25 9.51 -21.88
CA ASP B 161 -22.11 10.39 -21.67
C ASP B 161 -21.60 11.05 -22.93
N PHE B 162 -21.59 10.35 -24.05
CA PHE B 162 -20.90 10.82 -25.26
C PHE B 162 -21.72 10.89 -26.55
N TYR B 163 -23.03 10.61 -26.53
CA TYR B 163 -23.81 10.72 -27.80
C TYR B 163 -23.77 12.17 -28.27
N GLY B 164 -23.30 12.38 -29.49
CA GLY B 164 -23.17 13.71 -30.07
C GLY B 164 -21.77 14.29 -29.93
N LYS B 165 -20.98 13.70 -29.05
CA LYS B 165 -19.65 14.18 -28.74
C LYS B 165 -18.56 13.37 -29.41
N ILE B 166 -18.77 12.07 -29.61
CA ILE B 166 -17.82 11.17 -30.32
C ILE B 166 -18.37 10.61 -31.65
N GLU B 167 -17.48 10.16 -32.52
CA GLU B 167 -17.88 9.76 -33.87
C GLU B 167 -18.60 8.42 -33.96
N CYS B 168 -18.33 7.46 -33.09
CA CYS B 168 -18.93 6.11 -33.22
C CYS B 168 -19.11 5.41 -31.87
N ILE B 169 -20.21 4.68 -31.75
CA ILE B 169 -20.43 3.74 -30.66
C ILE B 169 -20.87 2.41 -31.27
N ILE B 170 -20.13 1.35 -30.97
CA ILE B 170 -20.53 -0.01 -31.32
C ILE B 170 -21.30 -0.64 -30.17
N ASP B 171 -22.60 -0.90 -30.33
CA ASP B 171 -23.42 -1.57 -29.32
C ASP B 171 -23.33 -3.07 -29.48
N GLY B 172 -22.75 -3.73 -28.49
CA GLY B 172 -22.57 -5.19 -28.49
C GLY B 172 -23.15 -5.75 -27.22
N GLY B 173 -24.08 -5.03 -26.63
CA GLY B 173 -24.69 -5.55 -25.43
C GLY B 173 -23.88 -5.23 -24.21
N GLU B 174 -24.36 -5.76 -23.07
CA GLU B 174 -23.77 -5.55 -21.76
C GLU B 174 -22.53 -6.45 -21.67
N THR B 175 -21.48 -5.96 -21.03
CA THR B 175 -20.22 -6.71 -20.99
C THR B 175 -20.36 -7.89 -20.03
N ARG B 176 -19.74 -9.04 -20.30
CA ARG B 176 -19.96 -10.23 -19.41
C ARG B 176 -19.28 -10.16 -18.06
N ILE B 177 -18.07 -9.64 -17.96
CA ILE B 177 -17.43 -9.60 -16.62
C ILE B 177 -17.91 -8.39 -15.84
N GLY B 178 -17.80 -7.21 -16.44
CA GLY B 178 -18.40 -6.01 -15.87
C GLY B 178 -17.54 -5.14 -14.98
N VAL B 179 -16.33 -5.61 -14.65
CA VAL B 179 -15.27 -4.81 -13.98
C VAL B 179 -14.02 -4.82 -14.88
N GLU B 180 -13.16 -3.84 -14.68
CA GLU B 180 -12.06 -3.63 -15.62
C GLU B 180 -11.00 -4.72 -15.48
N SER B 181 -10.13 -4.81 -16.46
CA SER B 181 -9.08 -5.83 -16.47
C SER B 181 -8.13 -5.65 -15.29
N THR B 182 -7.46 -6.75 -14.96
CA THR B 182 -6.49 -6.81 -13.90
C THR B 182 -5.25 -6.25 -14.52
N VAL B 183 -4.50 -5.49 -13.73
CA VAL B 183 -3.32 -4.81 -14.21
C VAL B 183 -2.10 -5.28 -13.42
N ILE B 184 -1.13 -5.89 -14.11
CA ILE B 184 0.13 -6.31 -13.49
C ILE B 184 1.30 -5.56 -14.09
N ASP B 185 2.27 -5.20 -13.25
CA ASP B 185 3.53 -4.53 -13.65
C ASP B 185 4.65 -5.57 -13.80
N LEU B 186 5.10 -5.78 -15.04
CA LEU B 186 6.17 -6.74 -15.37
C LEU B 186 7.54 -6.09 -15.67
N THR B 187 7.68 -4.90 -15.10
CA THR B 187 8.84 -4.07 -15.17
C THR B 187 9.77 -4.48 -14.04
N GLU B 188 9.23 -5.16 -13.02
CA GLU B 188 9.97 -5.50 -11.81
C GLU B 188 9.58 -6.95 -11.51
N TRP B 189 10.50 -7.76 -10.98
CA TRP B 189 10.18 -9.13 -10.49
C TRP B 189 10.32 -9.14 -8.97
N PRO B 190 9.35 -9.62 -8.18
CA PRO B 190 8.07 -10.18 -8.62
C PRO B 190 7.14 -9.12 -9.19
N PRO B 191 6.14 -9.53 -9.97
CA PRO B 191 5.24 -8.57 -10.53
C PRO B 191 4.48 -7.79 -9.48
N VAL B 192 4.03 -6.60 -9.82
CA VAL B 192 3.20 -5.83 -8.91
C VAL B 192 1.77 -5.70 -9.45
N LEU B 193 0.81 -6.14 -8.63
CA LEU B 193 -0.60 -5.96 -8.87
C LEU B 193 -0.94 -4.49 -8.65
N LEU B 194 -1.27 -3.81 -9.75
CA LEU B 194 -1.68 -2.40 -9.69
C LEU B 194 -3.19 -2.25 -9.53
N ARG B 195 -3.98 -3.09 -10.21
CA ARG B 195 -5.43 -3.05 -10.10
C ARG B 195 -6.00 -4.46 -10.11
N PRO B 196 -6.79 -4.86 -9.11
CA PRO B 196 -7.43 -6.15 -9.23
C PRO B 196 -8.58 -6.04 -10.18
N GLY B 197 -8.96 -7.12 -10.85
CA GLY B 197 -9.98 -7.01 -11.89
C GLY B 197 -10.55 -8.31 -12.40
N GLY B 198 -10.83 -8.34 -13.68
CA GLY B 198 -11.50 -9.44 -14.33
C GLY B 198 -10.79 -10.76 -14.26
N LEU B 199 -9.46 -10.76 -14.26
CA LEU B 199 -8.67 -11.99 -14.04
C LEU B 199 -8.31 -12.07 -12.58
N PRO B 200 -8.85 -13.05 -11.84
CA PRO B 200 -8.61 -13.06 -10.40
C PRO B 200 -7.15 -13.28 -10.04
N LEU B 201 -6.73 -12.70 -8.94
CA LEU B 201 -5.37 -12.86 -8.43
C LEU B 201 -4.94 -14.31 -8.28
N GLU B 202 -5.83 -15.14 -7.80
CA GLU B 202 -5.49 -16.54 -7.54
C GLU B 202 -5.14 -17.25 -8.84
N GLU B 203 -5.72 -16.86 -9.96
CA GLU B 203 -5.34 -17.44 -11.22
C GLU B 203 -3.88 -17.16 -11.59
N ILE B 204 -3.44 -15.93 -11.36
CA ILE B 204 -2.04 -15.53 -11.60
C ILE B 204 -1.08 -16.24 -10.64
N GLU B 205 -1.43 -16.25 -9.36
CA GLU B 205 -0.63 -16.84 -8.31
C GLU B 205 -0.56 -18.40 -8.29
N LYS B 206 -1.50 -19.11 -8.93
CA LYS B 206 -1.30 -20.56 -9.25
C LYS B 206 -0.13 -20.81 -10.18
N VAL B 207 0.06 -19.88 -11.11
CA VAL B 207 0.96 -20.02 -12.22
C VAL B 207 2.38 -19.56 -11.83
N ILE B 208 2.64 -18.25 -11.78
CA ILE B 208 3.91 -17.71 -11.22
C ILE B 208 3.68 -17.82 -9.77
N GLY B 209 4.55 -17.38 -8.90
CA GLY B 209 4.17 -17.60 -7.46
C GLY B 209 3.18 -16.58 -6.87
N GLU B 210 3.31 -16.33 -5.58
CA GLU B 210 2.72 -15.14 -4.96
C GLU B 210 3.35 -13.81 -5.52
N ILE B 211 2.56 -12.75 -5.70
CA ILE B 211 3.08 -11.48 -6.24
C ILE B 211 2.97 -10.30 -5.25
N ARG B 212 3.54 -9.15 -5.63
CA ARG B 212 3.53 -7.95 -4.82
C ARG B 212 2.22 -7.20 -5.00
N ILE B 213 1.67 -6.70 -3.90
CA ILE B 213 0.45 -5.91 -3.94
C ILE B 213 0.75 -4.40 -3.80
N HIS B 214 0.28 -3.59 -4.75
CA HIS B 214 0.42 -2.12 -4.64
C HIS B 214 -0.55 -1.63 -3.55
N PRO B 215 -0.17 -0.64 -2.75
CA PRO B 215 -1.05 -0.13 -1.69
C PRO B 215 -2.47 0.36 -2.09
N ALA B 216 -2.60 0.81 -3.31
CA ALA B 216 -3.89 1.18 -3.92
C ALA B 216 -4.83 0.01 -4.10
N VAL B 217 -4.38 -1.20 -3.88
CA VAL B 217 -5.25 -2.35 -4.09
C VAL B 217 -6.22 -2.51 -2.92
N TYR B 218 -5.69 -2.80 -1.73
CA TYR B 218 -6.54 -3.00 -0.52
C TYR B 218 -6.76 -1.73 0.24
N GLY B 219 -6.00 -0.70 -0.07
CA GLY B 219 -6.03 0.50 0.70
C GLY B 219 -6.48 1.62 -0.20
N LYS B 220 -5.83 2.76 -0.01
CA LYS B 220 -6.20 4.01 -0.67
C LYS B 220 -4.99 4.60 -1.40
N SER B 221 -5.33 5.41 -2.41
CA SER B 221 -4.40 6.04 -3.33
C SER B 221 -3.78 7.33 -2.75
N VAL B 222 -3.01 7.17 -1.67
CA VAL B 222 -2.41 8.29 -0.92
C VAL B 222 -1.02 7.83 -0.44
N ALA B 239 -22.03 11.40 -5.45
CA ALA B 239 -22.90 10.59 -4.60
C ALA B 239 -22.10 9.85 -3.51
N GLU B 240 -22.50 10.04 -2.24
CA GLU B 240 -21.85 9.36 -1.11
C GLU B 240 -22.05 7.85 -1.18
N VAL B 241 -21.01 7.11 -0.81
CA VAL B 241 -20.98 5.64 -0.90
C VAL B 241 -20.47 5.08 0.40
N ILE B 242 -21.27 4.22 1.04
CA ILE B 242 -20.93 3.70 2.36
C ILE B 242 -21.05 2.19 2.32
N VAL B 243 -19.96 1.53 2.67
CA VAL B 243 -19.90 0.07 2.60
C VAL B 243 -20.09 -0.47 4.01
N VAL B 244 -20.97 -1.47 4.17
CA VAL B 244 -21.26 -2.08 5.46
C VAL B 244 -20.78 -3.55 5.46
N GLU B 245 -19.59 -3.79 6.03
CA GLU B 245 -18.94 -5.13 6.09
C GLU B 245 -19.30 -5.83 7.38
N GLY B 246 -19.44 -7.15 7.33
CA GLY B 246 -19.66 -7.95 8.54
C GLY B 246 -20.63 -9.09 8.33
N PRO B 247 -20.98 -9.85 9.40
CA PRO B 247 -21.98 -10.93 9.26
C PRO B 247 -23.30 -10.36 8.78
N ARG B 248 -24.02 -11.18 8.01
CA ARG B 248 -25.07 -10.69 7.13
C ARG B 248 -26.22 -10.01 7.90
N ASP B 249 -26.73 -10.69 8.91
CA ASP B 249 -27.87 -10.20 9.70
C ASP B 249 -27.57 -8.91 10.49
N LYS B 250 -26.30 -8.71 10.83
CA LYS B 250 -25.84 -7.49 11.55
C LYS B 250 -25.63 -6.31 10.58
N VAL B 251 -25.24 -6.65 9.35
CA VAL B 251 -25.13 -5.69 8.24
C VAL B 251 -26.52 -5.17 7.81
N ARG B 252 -27.44 -6.10 7.53
CA ARG B 252 -28.82 -5.75 7.11
C ARG B 252 -29.56 -4.86 8.11
N ARG B 253 -29.34 -5.10 9.40
CA ARG B 253 -29.89 -4.28 10.49
C ARG B 253 -29.25 -2.90 10.53
N LYS B 254 -27.93 -2.86 10.32
CA LYS B 254 -27.18 -1.60 10.24
C LYS B 254 -27.60 -0.72 9.05
N ILE B 255 -27.96 -1.37 7.94
CA ILE B 255 -28.41 -0.65 6.74
C ILE B 255 -29.78 -0.03 7.08
N GLU B 256 -30.66 -0.82 7.70
CA GLU B 256 -31.99 -0.31 8.16
C GLU B 256 -31.89 0.99 8.97
N GLU B 257 -31.00 1.00 9.98
CA GLU B 257 -30.72 2.21 10.79
C GLU B 257 -30.26 3.39 9.93
N LEU B 258 -29.38 3.09 8.97
CA LEU B 258 -28.75 4.12 8.14
C LEU B 258 -29.73 4.70 7.12
N ILE B 259 -30.64 3.86 6.62
CA ILE B 259 -31.73 4.32 5.73
C ILE B 259 -32.59 5.34 6.47
N ALA B 260 -33.06 4.94 7.66
CA ALA B 260 -33.82 5.80 8.58
C ALA B 260 -33.10 7.13 8.88
N LYS B 261 -31.82 7.03 9.27
CA LYS B 261 -31.00 8.21 9.60
C LYS B 261 -30.86 9.25 8.47
N PHE B 262 -30.55 8.80 7.26
CA PHE B 262 -30.38 9.70 6.09
C PHE B 262 -31.71 10.16 5.45
N LYS B 263 -32.80 9.41 5.66
CA LYS B 263 -34.16 9.89 5.27
C LYS B 263 -34.67 11.00 6.22
N GLU B 264 -34.52 10.78 7.52
CA GLU B 264 -34.80 11.79 8.55
C GLU B 264 -34.02 13.12 8.30
N GLU B 265 -32.85 13.03 7.67
CA GLU B 265 -32.08 14.22 7.22
C GLU B 265 -32.53 14.74 5.83
N GLY B 266 -33.62 14.20 5.29
CA GLY B 266 -34.21 14.66 4.02
C GLY B 266 -33.33 14.46 2.81
N LYS B 267 -32.93 13.20 2.59
CA LYS B 267 -32.03 12.84 1.47
C LYS B 267 -32.52 11.56 0.78
N LYS B 268 -32.16 11.47 -0.51
CA LYS B 268 -32.47 10.30 -1.37
C LYS B 268 -31.47 9.17 -1.06
N VAL B 269 -31.98 8.01 -0.64
CA VAL B 269 -31.15 6.86 -0.24
C VAL B 269 -31.28 5.72 -1.26
N GLY B 270 -30.13 5.31 -1.80
CA GLY B 270 -30.04 4.11 -2.62
C GLY B 270 -29.38 2.98 -1.87
N VAL B 271 -29.78 1.75 -2.11
CA VAL B 271 -29.10 0.62 -1.51
C VAL B 271 -28.91 -0.49 -2.54
N ILE B 272 -27.67 -0.98 -2.62
CA ILE B 272 -27.29 -2.08 -3.52
C ILE B 272 -26.96 -3.26 -2.64
N GLY B 273 -27.61 -4.40 -2.87
CA GLY B 273 -27.49 -5.53 -1.96
C GLY B 273 -28.25 -6.76 -2.41
N SER B 274 -28.53 -7.62 -1.42
CA SER B 274 -29.37 -8.81 -1.58
C SER B 274 -30.66 -8.73 -0.75
N GLY B 275 -30.59 -8.14 0.45
CA GLY B 275 -31.79 -7.91 1.26
C GLY B 275 -32.78 -6.95 0.63
N SER B 276 -34.04 -7.05 1.03
CA SER B 276 -35.05 -6.06 0.64
C SER B 276 -35.10 -5.01 1.76
N TYR B 277 -35.12 -3.75 1.36
CA TYR B 277 -35.04 -2.62 2.30
C TYR B 277 -36.06 -1.55 1.93
N ASP B 278 -36.29 -0.61 2.84
CA ASP B 278 -37.27 0.47 2.64
C ASP B 278 -36.60 1.80 2.20
N ALA B 279 -36.14 1.86 0.95
CA ALA B 279 -35.37 3.02 0.43
C ALA B 279 -35.84 3.48 -0.94
N ASP B 280 -35.42 4.70 -1.31
CA ASP B 280 -35.81 5.35 -2.58
C ASP B 280 -35.57 4.48 -3.85
N GLU B 281 -34.39 3.86 -3.92
CA GLU B 281 -34.00 2.91 -5.00
C GLU B 281 -33.28 1.71 -4.37
N VAL B 282 -33.63 0.49 -4.80
CA VAL B 282 -32.98 -0.74 -4.30
C VAL B 282 -32.68 -1.71 -5.45
N PHE B 283 -31.38 -1.85 -5.77
CA PHE B 283 -30.89 -2.73 -6.85
C PHE B 283 -30.37 -4.06 -6.27
N TYR B 284 -30.92 -5.19 -6.74
CA TYR B 284 -30.41 -6.53 -6.40
C TYR B 284 -29.31 -6.92 -7.41
N LEU B 285 -28.09 -7.17 -6.93
CA LEU B 285 -26.93 -7.44 -7.80
C LEU B 285 -26.66 -8.92 -8.11
N GLY B 286 -27.11 -9.82 -7.24
CA GLY B 286 -27.00 -11.26 -7.50
C GLY B 286 -26.51 -12.08 -6.31
N ASP B 287 -26.51 -13.39 -6.50
CA ASP B 287 -26.14 -14.36 -5.46
C ASP B 287 -24.65 -14.51 -5.35
N THR B 288 -24.01 -14.84 -6.47
CA THR B 288 -22.55 -15.02 -6.54
C THR B 288 -21.82 -13.71 -6.74
N VAL B 289 -20.50 -13.77 -6.55
CA VAL B 289 -19.66 -12.59 -6.70
C VAL B 289 -19.46 -12.24 -8.19
N GLU B 290 -19.44 -13.26 -9.04
CA GLU B 290 -19.48 -13.10 -10.50
C GLU B 290 -20.65 -12.19 -10.93
N GLU B 291 -21.86 -12.56 -10.50
CA GLU B 291 -23.05 -11.78 -10.84
C GLU B 291 -22.99 -10.31 -10.34
N ILE B 292 -22.41 -10.10 -9.16
CA ILE B 292 -22.38 -8.76 -8.56
C ILE B 292 -21.47 -7.81 -9.40
N ALA B 293 -20.31 -8.33 -9.75
CA ALA B 293 -19.32 -7.70 -10.60
C ALA B 293 -19.91 -7.31 -11.97
N ARG B 294 -20.70 -8.23 -12.55
CA ARG B 294 -21.46 -8.01 -13.81
C ARG B 294 -22.45 -6.86 -13.79
N ASN B 295 -23.10 -6.66 -12.66
CA ASN B 295 -24.15 -5.65 -12.47
C ASN B 295 -23.78 -4.44 -11.64
N LEU B 296 -22.57 -4.42 -11.05
CA LEU B 296 -22.17 -3.32 -10.18
C LEU B 296 -22.34 -1.94 -10.84
N PHE B 297 -21.64 -1.67 -11.95
CA PHE B 297 -21.66 -0.33 -12.55
C PHE B 297 -23.03 0.07 -13.11
N LYS B 298 -23.78 -0.89 -13.63
CA LYS B 298 -25.13 -0.61 -14.09
C LYS B 298 -25.98 -0.03 -12.94
N ALA B 299 -25.88 -0.66 -11.78
CA ALA B 299 -26.54 -0.23 -10.58
C ALA B 299 -26.07 1.14 -10.11
N LEU B 300 -24.77 1.38 -10.15
CA LEU B 300 -24.22 2.66 -9.71
C LEU B 300 -24.62 3.80 -10.63
N ARG B 301 -24.68 3.52 -11.93
CA ARG B 301 -25.10 4.53 -12.88
C ARG B 301 -26.58 4.79 -12.72
N HIS B 302 -27.35 3.75 -12.40
CA HIS B 302 -28.80 3.88 -12.14
C HIS B 302 -29.05 4.87 -11.01
N MET B 303 -28.38 4.68 -9.89
CA MET B 303 -28.47 5.64 -8.78
C MET B 303 -27.90 7.03 -9.10
N ASP B 304 -26.77 7.09 -9.77
CA ASP B 304 -26.21 8.35 -10.27
C ASP B 304 -27.28 9.13 -11.11
N ARG B 305 -28.13 8.42 -11.85
CA ARG B 305 -29.18 9.04 -12.68
C ARG B 305 -30.43 9.46 -11.90
N THR B 306 -31.04 8.53 -11.17
CA THR B 306 -32.27 8.83 -10.40
C THR B 306 -32.12 10.02 -9.42
N GLY B 307 -30.90 10.34 -9.02
CA GLY B 307 -30.59 11.53 -8.23
C GLY B 307 -30.33 11.24 -6.75
N VAL B 308 -29.93 10.02 -6.47
CA VAL B 308 -29.65 9.52 -5.12
C VAL B 308 -28.49 10.34 -4.51
N ASP B 309 -28.62 10.66 -3.21
CA ASP B 309 -27.64 11.46 -2.46
C ASP B 309 -26.59 10.57 -1.75
N VAL B 310 -27.06 9.49 -1.12
CA VAL B 310 -26.21 8.49 -0.43
C VAL B 310 -26.53 7.06 -0.91
N ILE B 311 -25.46 6.30 -1.21
CA ILE B 311 -25.57 4.89 -1.63
C ILE B 311 -25.04 3.99 -0.50
N LEU B 312 -25.84 3.02 -0.10
CA LEU B 312 -25.44 2.06 0.91
C LEU B 312 -25.23 0.69 0.26
N ALA B 313 -24.01 0.18 0.37
CA ALA B 313 -23.61 -1.08 -0.27
C ALA B 313 -23.25 -2.17 0.74
N GLU B 314 -23.87 -3.36 0.59
CA GLU B 314 -23.47 -4.56 1.33
C GLU B 314 -22.08 -4.95 0.80
N GLY B 315 -21.13 -5.15 1.71
CA GLY B 315 -19.82 -5.65 1.35
C GLY B 315 -19.89 -7.10 0.86
N VAL B 316 -18.81 -7.54 0.23
CA VAL B 316 -18.65 -8.92 -0.26
C VAL B 316 -17.25 -9.38 0.12
N GLU B 317 -17.06 -10.70 0.02
CA GLU B 317 -15.83 -11.33 0.41
C GLU B 317 -14.80 -10.98 -0.65
N GLU B 318 -13.65 -10.42 -0.24
CA GLU B 318 -12.60 -9.94 -1.13
C GLU B 318 -11.78 -11.08 -1.70
N LYS B 319 -12.42 -11.96 -2.47
CA LYS B 319 -11.84 -13.16 -3.08
C LYS B 319 -12.43 -13.29 -4.44
N GLY B 320 -11.62 -13.76 -5.39
CA GLY B 320 -11.97 -13.81 -6.81
C GLY B 320 -12.28 -12.42 -7.35
N LEU B 321 -13.44 -12.31 -8.02
CA LEU B 321 -13.94 -11.02 -8.46
C LEU B 321 -14.31 -10.06 -7.34
N GLY B 322 -14.48 -10.58 -6.12
CA GLY B 322 -14.75 -9.77 -4.91
C GLY B 322 -13.72 -8.70 -4.60
N LEU B 323 -12.45 -9.02 -4.80
CA LEU B 323 -11.41 -8.03 -4.58
C LEU B 323 -11.67 -6.83 -5.49
N ALA B 324 -12.07 -7.12 -6.74
CA ALA B 324 -12.29 -6.09 -7.72
C ALA B 324 -13.46 -5.25 -7.32
N VAL B 325 -14.56 -5.88 -6.91
CA VAL B 325 -15.77 -5.07 -6.71
C VAL B 325 -15.57 -4.13 -5.53
N MET B 326 -14.93 -4.65 -4.47
CA MET B 326 -14.56 -3.85 -3.29
C MET B 326 -13.57 -2.75 -3.64
N ASN B 327 -12.58 -3.04 -4.48
CA ASN B 327 -11.63 -2.05 -4.94
C ASN B 327 -12.35 -0.89 -5.63
N ARG B 328 -13.31 -1.21 -6.48
CA ARG B 328 -13.95 -0.14 -7.26
C ARG B 328 -14.94 0.57 -6.36
N LEU B 329 -15.59 -0.19 -5.47
CA LEU B 329 -16.50 0.37 -4.46
C LEU B 329 -15.81 1.35 -3.55
N ARG B 330 -14.68 0.88 -3.02
CA ARG B 330 -13.83 1.62 -2.09
C ARG B 330 -13.07 2.77 -2.81
N LYS B 331 -13.42 3.07 -4.04
CA LYS B 331 -12.80 4.17 -4.76
C LYS B 331 -13.77 5.29 -5.03
N ALA B 332 -15.02 5.15 -4.57
CA ALA B 332 -15.96 6.26 -4.66
C ALA B 332 -15.31 7.41 -3.86
N SER B 333 -15.22 8.59 -4.45
CA SER B 333 -14.62 9.75 -3.77
C SER B 333 -15.26 9.98 -2.37
N GLY B 334 -16.59 9.95 -2.34
CA GLY B 334 -17.35 9.93 -1.09
C GLY B 334 -17.54 8.52 -0.57
N TYR B 335 -16.47 7.91 -0.05
CA TYR B 335 -16.55 6.53 0.47
C TYR B 335 -16.01 6.42 1.92
N ARG B 336 -16.67 5.56 2.69
CA ARG B 336 -16.31 5.25 4.07
C ARG B 336 -16.74 3.81 4.31
N ILE B 337 -16.06 3.12 5.21
CA ILE B 337 -16.41 1.72 5.46
C ILE B 337 -16.72 1.46 6.93
N ILE B 338 -17.87 0.82 7.18
CA ILE B 338 -18.34 0.42 8.50
C ILE B 338 -18.26 -1.10 8.64
N LYS B 339 -17.38 -1.56 9.51
CA LYS B 339 -17.28 -2.98 9.88
C LYS B 339 -18.18 -3.17 11.11
N VAL B 340 -19.10 -4.14 11.04
CA VAL B 340 -20.06 -4.38 12.14
C VAL B 340 -20.27 -5.88 12.37
N HIS B 341 -20.09 -6.31 13.63
CA HIS B 341 -20.09 -7.73 14.06
C HIS B 341 -20.75 -7.94 15.43
N HIS B 342 -20.98 -9.20 15.80
CA HIS B 342 -21.59 -9.58 17.09
C HIS B 342 -20.58 -10.28 17.99
C BCT C . 11.66 5.85 15.79
O1 BCT C . 11.56 5.15 14.78
O2 BCT C . 11.77 5.33 16.92
O3 BCT C . 11.61 7.19 15.66
N THR D . 8.58 5.73 14.35
CA THR D . 8.37 4.26 14.18
C THR D . 8.87 3.85 12.80
O THR D . 8.91 2.66 12.61
CB THR D . 6.91 3.82 14.41
OG1 THR D . 6.08 4.45 13.47
CG2 THR D . 6.40 4.31 15.70
OXT THR D . 9.25 4.63 11.92
C BCT E . -9.08 1.76 -17.79
O1 BCT E . -9.31 0.48 -17.88
O2 BCT E . -7.95 2.17 -17.56
O3 BCT E . -10.00 2.57 -17.87
N THR F . -9.45 -0.27 -20.53
CA THR F . -10.43 -1.38 -20.16
C THR F . -9.74 -2.54 -19.42
O THR F . -10.42 -3.45 -18.94
CB THR F . -11.23 -1.89 -21.38
OG1 THR F . -10.36 -2.44 -22.35
CG2 THR F . -11.92 -0.79 -22.04
OXT THR F . -8.51 -2.61 -19.29
#